data_7X2K
#
_entry.id   7X2K
#
_cell.length_a   94.629
_cell.length_b   95.470
_cell.length_c   104.139
_cell.angle_alpha   90.00
_cell.angle_beta   90.00
_cell.angle_gamma   90.00
#
_symmetry.space_group_name_H-M   'P 21 21 21'
#
loop_
_entity.id
_entity.type
_entity.pdbx_description
1 polymer 'Spike protein S1'
2 polymer 1F11-H
3 polymer 1F11-L
4 polymer Nb70
5 non-polymer 2-acetamido-2-deoxy-beta-D-glucopyranose
6 water water
#
loop_
_entity_poly.entity_id
_entity_poly.type
_entity_poly.pdbx_seq_one_letter_code
_entity_poly.pdbx_strand_id
1 'polypeptide(L)'
;TNLCPFGEVFNATRFASVYAWNRKRISNCVADYSVLYNSASFSTFKCYGVSPTKLNDLCFTNVYADSFVIRGDEVRQIAP
GQTGKIADYNYKLPDDFTGCVIAWNSNNLDSKVGGNYNYLYRLFRKSNLKPFERDISTEIYQAGSTPCNGVEGFNCYFPL
QSYGFQPTNGVGYQPYRVVVLSFELLHAPATVCG
;
E
2 'polypeptide(L)'
;EVQLVESGGGLVQPGGSLRLSCAASGITVSSNYMNWVRQAPGKGLEWVSLIYSGGSTYYADSVKGRFTISRDNSKNTLYL
QMNSLRAEDTAVYHCARDLVVYGMDVWGQGTTVTVSSASTKGPSVFPLAPSSKSTSGGTAALGCLVKDYFPEPVTVSWNS
GALTSGVHTFPAVLQSSGLYSLSSVVTVPSSSLGTQTYICNVNHKPSNTKVDKKVEP
;
H
3 'polypeptide(L)'
;EIVLTQSPGTLSLSPGERATLSCRASQSVSSSYLAWYQQKPGQAPRLLIYGASSRATGIPDRFSGSGSGTDFTLTISRLE
PEDFAVYYCQQYGSSPTFGQGTKLEIKRTVAAPSVFIFPPSDEQLKSGTASVVCLLNNFYPREAKVQWKVDNALQSGNSQ
ESVTEQDSKDSTYSLSSTLTLSKADYEKHKVYACEVTHQGLSSPVTKSFNRGEC
;
L
4 'polypeptide(L)'
;QVQLVESGGGLVQAGGSLRLSCVASGRTFSRYAMGWFRQAPGKEREFVAVIEWDGGTSYYVDSVKGRFTISRDNAKNTVY
LQMNSLKPEDTAVYYCAAGGNQYYSATYSIWNEYDFWGQGTQVTVSS
;
B
#
# COMPACT_ATOMS: atom_id res chain seq x y z
N ASN A 2 13.43 52.57 9.04
CA ASN A 2 13.41 51.93 7.74
C ASN A 2 12.52 50.69 7.75
N LEU A 3 11.85 50.44 6.62
CA LEU A 3 11.02 49.25 6.48
C LEU A 3 11.89 48.00 6.46
N CYS A 4 11.34 46.91 6.99
CA CYS A 4 12.01 45.63 6.88
C CYS A 4 11.89 45.11 5.44
N PRO A 5 12.96 44.58 4.88
CA PRO A 5 13.00 44.22 3.45
C PRO A 5 12.32 42.88 3.14
N PHE A 6 11.03 42.81 3.45
CA PHE A 6 10.28 41.58 3.17
C PHE A 6 10.15 41.33 1.69
N GLY A 7 10.01 42.39 0.89
CA GLY A 7 9.89 42.19 -0.54
C GLY A 7 11.12 41.51 -1.12
N GLU A 8 12.29 41.80 -0.57
CA GLU A 8 13.52 41.16 -1.00
C GLU A 8 13.43 39.65 -0.87
N VAL A 9 12.73 39.15 0.16
CA VAL A 9 12.59 37.72 0.38
C VAL A 9 11.44 37.14 -0.45
N PHE A 10 10.25 37.73 -0.32
CA PHE A 10 9.07 37.14 -0.93
C PHE A 10 9.11 37.28 -2.45
N ASN A 11 9.60 38.40 -2.95
CA ASN A 11 9.51 38.70 -4.37
C ASN A 11 10.80 38.35 -5.13
N ALA A 12 11.72 37.59 -4.53
CA ALA A 12 12.97 37.26 -5.20
C ALA A 12 12.73 36.43 -6.46
N THR A 13 13.52 36.68 -7.49
CA THR A 13 13.37 35.94 -8.74
C THR A 13 13.70 34.47 -8.56
N ARG A 14 14.78 34.16 -7.87
CA ARG A 14 15.18 32.79 -7.63
C ARG A 14 15.04 32.44 -6.15
N PHE A 15 14.70 31.21 -5.88
CA PHE A 15 14.59 30.68 -4.52
C PHE A 15 15.60 29.56 -4.35
N ALA A 16 15.99 29.31 -3.11
CA ALA A 16 16.91 28.22 -2.83
C ALA A 16 16.24 26.87 -3.00
N SER A 17 17.04 25.89 -3.40
CA SER A 17 16.71 24.50 -3.10
C SER A 17 16.62 24.29 -1.59
N VAL A 18 15.63 23.49 -1.19
CA VAL A 18 15.29 23.30 0.22
C VAL A 18 16.51 22.83 1.03
N TYR A 19 17.36 21.97 0.46
CA TYR A 19 18.48 21.45 1.26
C TYR A 19 19.46 22.57 1.60
N ALA A 20 19.65 23.51 0.69
CA ALA A 20 20.43 24.73 0.95
C ALA A 20 19.53 25.94 1.21
N TRP A 21 18.59 25.86 2.17
CA TRP A 21 17.62 26.94 2.34
C TRP A 21 18.30 28.25 2.71
N ASN A 22 17.77 29.36 2.21
CA ASN A 22 18.28 30.68 2.55
C ASN A 22 17.68 31.19 3.84
N ARG A 23 18.44 32.06 4.50
CA ARG A 23 18.01 32.74 5.71
C ARG A 23 18.39 34.21 5.58
N LYS A 24 17.45 35.09 5.88
CA LYS A 24 17.72 36.52 6.00
C LYS A 24 17.46 36.93 7.44
N ARG A 25 18.46 37.55 8.07
CA ARG A 25 18.29 38.10 9.41
C ARG A 25 17.70 39.50 9.28
N ILE A 26 16.54 39.72 9.87
CA ILE A 26 15.85 41.00 9.85
C ILE A 26 16.07 41.66 11.20
N SER A 27 16.72 42.83 11.22
CA SER A 27 16.98 43.57 12.45
C SER A 27 16.77 45.06 12.23
N ASN A 28 16.46 45.76 13.33
CA ASN A 28 16.44 47.21 13.39
C ASN A 28 15.66 47.79 12.22
N CYS A 29 14.39 47.47 12.17
CA CYS A 29 13.54 47.94 11.08
C CYS A 29 12.10 47.87 11.55
N VAL A 30 11.20 48.38 10.72
CA VAL A 30 9.77 48.38 11.03
C VAL A 30 9.12 47.30 10.18
N ALA A 31 8.49 46.34 10.85
CA ALA A 31 7.86 45.20 10.19
C ALA A 31 6.44 45.60 9.81
N ASP A 32 6.23 45.87 8.53
CA ASP A 32 4.91 46.19 8.00
C ASP A 32 4.35 44.94 7.31
N TYR A 33 3.72 44.07 8.09
CA TYR A 33 3.19 42.85 7.49
C TYR A 33 1.95 43.11 6.59
N SER A 34 1.61 44.37 6.30
CA SER A 34 0.48 44.67 5.44
C SER A 34 0.69 44.13 4.03
N VAL A 35 1.91 44.26 3.51
CA VAL A 35 2.20 43.74 2.17
C VAL A 35 1.80 42.28 2.09
N LEU A 36 1.96 41.54 3.18
CA LEU A 36 1.50 40.15 3.19
C LEU A 36 -0.01 40.07 3.15
N TYR A 37 -0.68 41.01 3.82
CA TYR A 37 -2.13 40.95 3.95
C TYR A 37 -2.82 41.09 2.59
N ASN A 38 -2.32 41.99 1.75
CA ASN A 38 -3.04 42.35 0.53
C ASN A 38 -3.13 41.17 -0.45
N SER A 39 -2.02 40.52 -0.72
CA SER A 39 -2.00 39.49 -1.76
C SER A 39 -2.80 38.27 -1.34
N ALA A 40 -3.62 37.78 -2.26
CA ALA A 40 -4.41 36.57 -2.04
C ALA A 40 -3.71 35.33 -2.56
N SER A 41 -2.49 35.46 -3.09
CA SER A 41 -1.82 34.33 -3.73
C SER A 41 -1.34 33.27 -2.76
N PHE A 42 -1.44 33.53 -1.45
CA PHE A 42 -0.89 32.60 -0.44
C PHE A 42 -1.78 31.39 -0.20
N SER A 43 -1.35 30.20 -0.62
CA SER A 43 -2.11 28.99 -0.31
C SER A 43 -1.92 28.54 1.14
N THR A 44 -0.86 28.99 1.80
CA THR A 44 -0.62 28.69 3.21
C THR A 44 -0.21 29.96 3.93
N PHE A 45 -0.86 30.25 5.04
CA PHE A 45 -0.51 31.42 5.85
C PHE A 45 -1.02 31.14 7.26
N LYS A 46 -0.14 30.69 8.14
CA LYS A 46 -0.54 30.28 9.48
C LYS A 46 0.60 30.55 10.45
N CYS A 47 0.26 30.77 11.71
CA CYS A 47 1.28 31.14 12.69
C CYS A 47 1.14 30.27 13.91
N TYR A 48 2.23 30.21 14.67
CA TYR A 48 2.32 29.37 15.86
C TYR A 48 2.69 30.30 17.00
N GLY A 49 1.88 30.30 18.05
CA GLY A 49 2.14 31.18 19.19
C GLY A 49 1.95 32.66 18.92
N VAL A 50 1.41 33.00 17.75
CA VAL A 50 1.07 34.37 17.40
C VAL A 50 -0.12 34.28 16.45
N SER A 51 -0.97 35.31 16.48
CA SER A 51 -2.09 35.41 15.56
C SER A 51 -1.68 36.24 14.35
N PRO A 52 -1.78 35.71 13.13
CA PRO A 52 -1.31 36.48 11.96
C PRO A 52 -1.93 37.86 11.83
N THR A 53 -3.22 38.03 12.19
CA THR A 53 -3.84 39.35 12.03
C THR A 53 -3.22 40.39 12.95
N LYS A 54 -2.76 39.99 14.13
CA LYS A 54 -2.19 40.92 15.09
C LYS A 54 -0.68 41.16 14.89
N LEU A 55 -0.11 40.80 13.74
CA LEU A 55 1.35 40.88 13.62
C LEU A 55 1.88 42.31 13.66
N ASN A 56 1.13 43.28 13.13
CA ASN A 56 1.60 44.66 13.17
C ASN A 56 1.61 45.24 14.57
N ASP A 57 1.07 44.54 15.55
CA ASP A 57 1.06 45.00 16.93
C ASP A 57 2.26 44.49 17.71
N LEU A 58 3.12 43.68 17.11
CA LEU A 58 4.11 42.93 17.87
C LEU A 58 5.49 43.51 17.70
N CYS A 59 6.35 43.22 18.69
CA CYS A 59 7.77 43.58 18.71
C CYS A 59 8.63 42.36 19.01
N PHE A 60 9.74 42.23 18.29
CA PHE A 60 10.65 41.12 18.54
C PHE A 60 12.08 41.63 18.55
N THR A 61 12.94 40.91 19.26
CA THR A 61 14.37 41.18 19.18
C THR A 61 14.86 41.06 17.75
N ASN A 62 14.51 39.96 17.08
CA ASN A 62 14.88 39.75 15.69
C ASN A 62 13.82 38.91 14.99
N VAL A 63 13.83 39.02 13.67
CA VAL A 63 13.08 38.12 12.82
C VAL A 63 14.06 37.43 11.90
N TYR A 64 13.88 36.13 11.70
CA TYR A 64 14.58 35.40 10.65
C TYR A 64 13.56 35.03 9.58
N ALA A 65 13.99 35.03 8.32
CA ALA A 65 13.12 34.71 7.19
C ALA A 65 13.80 33.69 6.28
N ASP A 66 13.32 32.45 6.31
CA ASP A 66 13.89 31.34 5.58
C ASP A 66 13.06 31.08 4.33
N SER A 67 13.72 30.78 3.21
CA SER A 67 12.94 30.55 2.00
C SER A 67 13.55 29.41 1.21
N PHE A 68 12.71 28.74 0.41
CA PHE A 68 13.09 27.58 -0.38
C PHE A 68 11.88 27.09 -1.18
N VAL A 69 12.12 26.10 -2.06
CA VAL A 69 11.09 25.47 -2.87
C VAL A 69 10.97 23.98 -2.51
N ILE A 70 9.75 23.54 -2.21
CA ILE A 70 9.42 22.12 -2.08
C ILE A 70 8.21 21.82 -2.96
N ARG A 71 7.79 20.56 -2.95
CA ARG A 71 6.59 20.25 -3.72
C ARG A 71 5.35 20.34 -2.83
N GLY A 72 4.21 20.55 -3.48
CA GLY A 72 3.01 20.92 -2.75
C GLY A 72 2.65 19.95 -1.64
N ASP A 73 2.69 18.65 -1.95
CA ASP A 73 2.39 17.64 -0.92
C ASP A 73 3.33 17.72 0.27
N GLU A 74 4.42 18.48 0.15
CA GLU A 74 5.40 18.58 1.23
C GLU A 74 5.19 19.78 2.12
N VAL A 75 4.36 20.73 1.71
CA VAL A 75 4.25 21.97 2.48
C VAL A 75 3.76 21.71 3.91
N ARG A 76 3.04 20.64 4.15
CA ARG A 76 2.53 20.27 5.49
C ARG A 76 3.66 19.90 6.46
N GLN A 77 4.82 19.50 5.97
CA GLN A 77 5.97 19.16 6.83
C GLN A 77 6.65 20.43 7.34
N ILE A 78 6.23 21.60 6.87
CA ILE A 78 6.80 22.84 7.44
C ILE A 78 5.87 23.26 8.59
N ALA A 79 6.06 22.60 9.73
CA ALA A 79 5.31 22.80 10.96
C ALA A 79 6.06 22.04 12.04
N PRO A 80 5.98 22.45 13.29
CA PRO A 80 6.62 21.66 14.36
C PRO A 80 6.09 20.23 14.41
N GLY A 81 6.99 19.31 14.73
CA GLY A 81 6.61 17.95 15.03
C GLY A 81 6.25 17.11 13.84
N GLN A 82 6.60 17.55 12.65
CA GLN A 82 6.29 16.83 11.43
C GLN A 82 7.43 15.88 11.09
N THR A 83 7.11 14.87 10.30
CA THR A 83 8.04 13.89 9.78
C THR A 83 7.96 13.92 8.26
N GLY A 84 8.95 13.32 7.62
CA GLY A 84 9.04 13.31 6.18
C GLY A 84 10.43 13.68 5.71
N LYS A 85 10.63 13.48 4.41
CA LYS A 85 11.94 13.75 3.83
C LYS A 85 12.36 15.20 4.08
N ILE A 86 11.41 16.12 3.97
CA ILE A 86 11.72 17.53 4.17
C ILE A 86 12.02 17.82 5.64
N ALA A 87 11.06 17.53 6.51
CA ALA A 87 11.21 17.81 7.93
C ALA A 87 12.39 17.05 8.53
N ASP A 88 12.55 15.78 8.16
CA ASP A 88 13.62 14.96 8.72
C ASP A 88 14.98 15.34 8.18
N TYR A 89 15.08 15.60 6.87
CA TYR A 89 16.38 15.69 6.23
C TYR A 89 16.67 17.02 5.59
N ASN A 90 15.70 17.93 5.52
CA ASN A 90 15.99 19.17 4.81
C ASN A 90 15.78 20.43 5.63
N TYR A 91 14.59 20.62 6.24
CA TYR A 91 14.29 21.84 7.00
C TYR A 91 13.42 21.47 8.19
N LYS A 92 13.96 21.65 9.41
CA LYS A 92 13.30 21.25 10.64
C LYS A 92 12.90 22.45 11.48
N LEU A 93 11.64 22.52 11.86
CA LEU A 93 11.26 23.54 12.81
C LEU A 93 11.31 22.98 14.23
N PRO A 94 11.66 23.82 15.20
CA PRO A 94 11.72 23.36 16.59
C PRO A 94 10.32 23.11 17.14
N ASP A 95 10.23 22.21 18.12
CA ASP A 95 8.91 21.83 18.65
C ASP A 95 8.17 23.03 19.22
N ASP A 96 8.90 24.03 19.74
CA ASP A 96 8.33 25.21 20.36
C ASP A 96 8.42 26.43 19.46
N PHE A 97 8.45 26.21 18.15
CA PHE A 97 8.46 27.28 17.18
C PHE A 97 7.51 28.42 17.55
N THR A 98 8.00 29.65 17.39
CA THR A 98 7.18 30.86 17.34
C THR A 98 7.43 31.52 15.99
N GLY A 99 6.37 31.75 15.24
CA GLY A 99 6.52 32.38 13.93
C GLY A 99 5.38 31.97 13.00
N CYS A 100 5.60 32.20 11.72
CA CYS A 100 4.58 31.97 10.71
C CYS A 100 5.16 31.21 9.54
N VAL A 101 4.29 30.51 8.83
CA VAL A 101 4.63 29.78 7.61
C VAL A 101 3.71 30.31 6.50
N ILE A 102 4.31 30.77 5.42
CA ILE A 102 3.62 31.24 4.23
C ILE A 102 4.14 30.43 3.05
N ALA A 103 3.24 30.08 2.15
CA ALA A 103 3.65 29.39 0.93
C ALA A 103 2.69 29.74 -0.21
N TRP A 104 3.21 29.65 -1.44
CA TRP A 104 2.36 29.87 -2.59
C TRP A 104 2.81 28.97 -3.72
N ASN A 105 1.86 28.65 -4.60
CA ASN A 105 2.15 27.81 -5.75
C ASN A 105 3.06 28.58 -6.68
N SER A 106 4.09 27.93 -7.18
CA SER A 106 5.07 28.61 -8.04
C SER A 106 5.31 27.80 -9.31
N ASN A 107 4.30 27.05 -9.72
CA ASN A 107 4.40 26.29 -10.98
C ASN A 107 4.87 27.17 -12.13
N ASN A 108 4.41 28.42 -12.18
CA ASN A 108 4.78 29.29 -13.30
C ASN A 108 6.29 29.60 -13.31
N LEU A 109 6.88 29.85 -12.16
CA LEU A 109 8.29 30.21 -12.14
C LEU A 109 9.18 28.97 -12.11
N ASP A 110 8.75 27.93 -11.43
CA ASP A 110 9.68 26.93 -10.95
C ASP A 110 9.56 25.59 -11.65
N SER A 111 8.66 25.49 -12.60
CA SER A 111 8.52 24.25 -13.38
C SER A 111 8.97 24.46 -14.82
N LYS A 112 9.41 23.40 -15.49
CA LYS A 112 9.90 23.52 -16.89
C LYS A 112 9.33 22.40 -17.72
N VAL A 113 8.96 22.70 -18.96
CA VAL A 113 8.53 21.65 -19.90
C VAL A 113 9.79 20.82 -20.10
N GLY A 114 9.70 19.53 -19.87
CA GLY A 114 10.91 18.72 -19.91
C GLY A 114 11.37 18.42 -18.51
N GLY A 115 10.95 19.27 -17.57
CA GLY A 115 11.29 18.96 -16.18
C GLY A 115 12.32 19.89 -15.64
N ASN A 116 12.04 20.53 -14.52
CA ASN A 116 13.09 21.32 -13.90
C ASN A 116 13.91 20.39 -13.03
N TYR A 117 15.20 20.35 -13.25
CA TYR A 117 16.07 19.54 -12.43
C TYR A 117 16.94 20.38 -11.52
N ASN A 118 16.82 21.71 -11.57
CA ASN A 118 17.68 22.57 -10.76
C ASN A 118 17.34 22.55 -9.27
N TYR A 119 16.10 22.20 -8.88
CA TYR A 119 15.71 22.18 -7.48
C TYR A 119 15.96 20.79 -6.91
N LEU A 120 16.62 20.75 -5.74
CA LEU A 120 17.03 19.50 -5.11
C LEU A 120 16.51 19.42 -3.69
N TYR A 121 16.45 18.18 -3.21
CA TYR A 121 16.27 17.85 -1.80
C TYR A 121 17.24 16.73 -1.44
N ARG A 122 17.61 16.68 -0.17
CA ARG A 122 18.39 15.55 0.34
C ARG A 122 17.48 14.36 0.56
N LEU A 123 17.75 13.27 -0.16
CA LEU A 123 16.98 12.06 -0.02
C LEU A 123 17.61 11.07 0.94
N PHE A 124 18.95 11.00 1.01
CA PHE A 124 19.63 10.07 1.91
C PHE A 124 20.33 10.84 3.02
N ARG A 125 20.09 10.43 4.26
CA ARG A 125 20.78 10.99 5.43
C ARG A 125 20.63 9.99 6.58
N LYS A 126 21.71 9.76 7.31
CA LYS A 126 21.68 8.74 8.35
C LYS A 126 20.70 9.07 9.47
N SER A 127 20.54 10.34 9.82
CA SER A 127 19.71 10.68 10.98
C SER A 127 19.10 12.06 10.78
N ASN A 128 18.18 12.40 11.68
CA ASN A 128 17.36 13.59 11.51
C ASN A 128 18.15 14.87 11.76
N LEU A 129 17.76 15.92 11.04
CA LEU A 129 18.26 17.26 11.27
C LEU A 129 17.81 17.78 12.63
N LYS A 130 18.65 18.58 13.24
CA LYS A 130 18.28 19.44 14.35
C LYS A 130 17.47 20.62 13.85
N PRO A 131 16.68 21.27 14.71
CA PRO A 131 15.92 22.43 14.25
C PRO A 131 16.82 23.49 13.65
N PHE A 132 16.36 24.07 12.54
CA PHE A 132 17.06 25.16 11.83
C PHE A 132 18.47 24.75 11.42
N GLU A 133 18.68 23.46 11.18
CA GLU A 133 19.96 22.99 10.69
C GLU A 133 19.96 22.98 9.17
N ARG A 134 21.11 23.31 8.57
CA ARG A 134 21.24 23.35 7.13
C ARG A 134 22.41 22.48 6.76
N ASP A 135 22.13 21.38 6.07
CA ASP A 135 23.15 20.40 5.67
C ASP A 135 23.37 20.54 4.18
N ILE A 136 24.53 21.03 3.80
CA ILE A 136 24.85 21.17 2.38
C ILE A 136 25.90 20.16 1.93
N SER A 137 26.10 19.10 2.71
CA SER A 137 27.05 18.07 2.36
C SER A 137 26.66 17.39 1.04
N THR A 138 27.68 17.01 0.25
CA THR A 138 27.51 16.20 -0.95
C THR A 138 28.28 14.89 -0.87
N GLU A 139 28.53 14.42 0.34
CA GLU A 139 29.29 13.19 0.52
C GLU A 139 28.48 12.00 0.04
N ILE A 140 29.13 11.05 -0.62
CA ILE A 140 28.41 9.87 -1.08
C ILE A 140 27.84 9.16 0.12
N TYR A 141 26.57 8.81 0.05
CA TYR A 141 25.91 8.18 1.18
C TYR A 141 26.21 6.68 1.26
N GLN A 142 26.61 6.22 2.43
CA GLN A 142 26.98 4.82 2.65
C GLN A 142 25.79 4.05 3.22
N ALA A 143 25.26 3.11 2.44
CA ALA A 143 24.07 2.35 2.82
C ALA A 143 24.40 0.95 3.29
N GLY A 144 25.62 0.51 3.09
CA GLY A 144 26.07 -0.76 3.64
C GLY A 144 27.25 -0.57 4.54
N SER A 145 27.97 -1.66 4.82
CA SER A 145 29.14 -1.61 5.69
C SER A 145 30.44 -1.27 4.94
N THR A 146 30.42 -1.21 3.59
CA THR A 146 31.73 -0.90 3.04
C THR A 146 31.84 0.58 2.71
N PRO A 147 33.03 1.16 2.85
CA PRO A 147 33.20 2.60 2.56
C PRO A 147 33.06 2.89 1.08
N CYS A 148 32.56 4.08 0.78
CA CYS A 148 32.36 4.47 -0.61
C CYS A 148 33.57 5.18 -1.20
N ASN A 149 34.36 5.85 -0.37
CA ASN A 149 35.56 6.51 -0.86
C ASN A 149 35.24 7.41 -2.04
N GLY A 150 34.21 8.25 -1.86
CA GLY A 150 33.83 9.23 -2.85
C GLY A 150 33.32 8.70 -4.18
N VAL A 151 32.98 7.41 -4.26
CA VAL A 151 32.62 6.78 -5.53
C VAL A 151 31.20 6.22 -5.45
N GLU A 152 30.38 6.57 -6.43
CA GLU A 152 29.01 6.07 -6.47
C GLU A 152 28.96 4.63 -6.95
N GLY A 153 28.04 3.86 -6.37
CA GLY A 153 27.88 2.48 -6.77
C GLY A 153 26.89 1.81 -5.85
N PHE A 154 26.93 0.47 -5.82
CA PHE A 154 26.05 -0.25 -4.92
C PHE A 154 26.29 0.15 -3.46
N ASN A 155 25.20 0.49 -2.76
CA ASN A 155 25.27 0.98 -1.38
C ASN A 155 26.01 2.30 -1.25
N CYS A 156 26.18 3.02 -2.36
CA CYS A 156 26.95 4.27 -2.39
C CYS A 156 26.19 5.24 -3.29
N TYR A 157 25.35 6.09 -2.69
CA TYR A 157 24.40 6.90 -3.44
C TYR A 157 24.63 8.39 -3.20
N PHE A 158 24.55 9.16 -4.27
CA PHE A 158 24.59 10.60 -4.13
C PHE A 158 23.43 11.04 -3.23
N PRO A 159 23.66 11.89 -2.22
CA PRO A 159 22.58 12.18 -1.26
C PRO A 159 21.47 13.06 -1.80
N LEU A 160 21.73 13.90 -2.80
CA LEU A 160 20.76 14.87 -3.29
C LEU A 160 20.10 14.39 -4.58
N GLN A 161 18.80 14.65 -4.70
CA GLN A 161 17.98 14.20 -5.81
C GLN A 161 17.09 15.35 -6.27
N SER A 162 16.52 15.19 -7.44
CA SER A 162 15.83 16.27 -8.11
C SER A 162 14.34 16.02 -8.11
N TYR A 163 13.58 17.09 -8.01
CA TYR A 163 12.17 17.00 -8.34
C TYR A 163 12.03 17.11 -9.84
N GLY A 164 11.04 16.43 -10.40
CA GLY A 164 10.94 16.61 -11.83
C GLY A 164 9.92 17.67 -12.25
N PHE A 165 10.06 18.90 -11.78
CA PHE A 165 8.93 19.81 -11.81
C PHE A 165 8.50 20.11 -13.26
N GLN A 166 7.30 19.66 -13.61
CA GLN A 166 6.75 19.91 -14.93
C GLN A 166 5.46 20.71 -14.81
N PRO A 167 5.23 21.69 -15.68
CA PRO A 167 4.04 22.55 -15.51
C PRO A 167 2.72 21.81 -15.57
N THR A 168 2.67 20.64 -16.19
CA THR A 168 1.42 19.90 -16.23
C THR A 168 1.26 18.89 -15.09
N ASN A 169 2.18 18.84 -14.13
CA ASN A 169 2.01 17.91 -13.01
C ASN A 169 0.73 18.20 -12.24
N GLY A 170 0.24 17.20 -11.51
CA GLY A 170 -0.83 17.45 -10.56
C GLY A 170 -0.41 18.45 -9.49
N VAL A 171 -1.41 19.09 -8.89
CA VAL A 171 -1.14 20.25 -8.04
C VAL A 171 -0.23 19.86 -6.86
N GLY A 172 -0.41 18.65 -6.33
CA GLY A 172 0.42 18.20 -5.22
C GLY A 172 1.86 17.90 -5.60
N TYR A 173 2.13 17.79 -6.89
CA TYR A 173 3.49 17.60 -7.38
C TYR A 173 4.07 18.89 -7.96
N GLN A 174 3.37 20.02 -7.83
CA GLN A 174 3.92 21.26 -8.37
C GLN A 174 4.80 21.96 -7.34
N PRO A 175 5.73 22.79 -7.79
CA PRO A 175 6.60 23.47 -6.83
C PRO A 175 5.85 24.54 -6.07
N TYR A 176 6.22 24.71 -4.81
CA TYR A 176 5.73 25.79 -3.97
C TYR A 176 6.91 26.54 -3.38
N ARG A 177 6.77 27.85 -3.34
CA ARG A 177 7.74 28.68 -2.67
C ARG A 177 7.28 28.89 -1.24
N VAL A 178 8.23 28.85 -0.30
CA VAL A 178 7.95 28.85 1.12
C VAL A 178 8.84 29.90 1.80
N VAL A 179 8.22 30.71 2.67
CA VAL A 179 8.92 31.63 3.55
C VAL A 179 8.49 31.31 4.98
N VAL A 180 9.46 31.11 5.86
CA VAL A 180 9.20 30.87 7.27
C VAL A 180 9.72 32.09 8.04
N LEU A 181 8.83 32.76 8.77
CA LEU A 181 9.21 33.88 9.64
C LEU A 181 9.28 33.38 11.09
N SER A 182 10.49 33.35 11.64
CA SER A 182 10.71 33.03 13.04
C SER A 182 10.85 34.33 13.82
N PHE A 183 10.20 34.40 14.98
CA PHE A 183 10.24 35.60 15.81
C PHE A 183 11.08 35.31 17.06
N GLU A 184 12.16 36.07 17.24
CA GLU A 184 13.13 35.81 18.31
C GLU A 184 12.94 36.83 19.41
N LEU A 185 12.75 36.34 20.63
CA LEU A 185 12.53 37.20 21.80
C LEU A 185 13.61 36.87 22.82
N LEU A 186 14.63 37.73 22.87
CA LEU A 186 15.71 37.64 23.84
C LEU A 186 15.45 38.60 25.00
N HIS A 187 16.24 38.44 26.06
CA HIS A 187 16.17 39.36 27.20
C HIS A 187 16.99 40.60 26.84
N ALA A 188 16.42 41.39 25.93
CA ALA A 188 17.15 42.49 25.30
C ALA A 188 16.14 43.39 24.62
N PRO A 189 16.54 44.60 24.24
CA PRO A 189 15.60 45.49 23.58
C PRO A 189 15.16 44.92 22.24
N ALA A 190 13.92 45.21 21.87
CA ALA A 190 13.38 44.78 20.59
C ALA A 190 13.83 45.71 19.47
N THR A 191 14.14 45.14 18.31
CA THR A 191 14.58 45.93 17.17
C THR A 191 13.66 45.81 15.96
N VAL A 192 12.60 45.01 16.04
CA VAL A 192 11.66 44.88 14.95
C VAL A 192 10.26 45.05 15.52
N CYS A 193 9.56 46.10 15.08
CA CYS A 193 8.20 46.35 15.53
C CYS A 193 7.33 46.75 14.35
N GLY A 194 6.02 46.72 14.54
CA GLY A 194 5.08 47.11 13.51
C GLY A 194 4.81 48.60 13.48
N VAL B 2 24.49 -10.75 -0.85
CA VAL B 2 23.49 -9.80 -0.35
C VAL B 2 22.09 -10.39 -0.34
N GLN B 3 21.42 -10.35 0.82
CA GLN B 3 20.12 -10.98 0.93
C GLN B 3 19.36 -10.44 2.12
N LEU B 4 18.03 -10.53 2.03
CA LEU B 4 17.11 -10.30 3.14
C LEU B 4 16.31 -11.59 3.36
N VAL B 5 16.19 -12.03 4.61
CA VAL B 5 15.50 -13.28 4.92
C VAL B 5 14.43 -12.99 5.99
N GLU B 6 13.16 -13.19 5.63
CA GLU B 6 12.02 -13.00 6.53
C GLU B 6 11.75 -14.26 7.35
N SER B 7 11.31 -14.08 8.60
CA SER B 7 10.86 -15.20 9.44
C SER B 7 9.66 -14.76 10.23
N GLY B 8 8.98 -15.74 10.83
CA GLY B 8 7.88 -15.50 11.74
C GLY B 8 6.52 -15.80 11.17
N GLY B 9 6.41 -16.07 9.88
CA GLY B 9 5.13 -16.35 9.29
C GLY B 9 4.54 -17.63 9.85
N GLY B 10 3.23 -17.75 9.77
CA GLY B 10 2.57 -18.86 10.39
C GLY B 10 1.08 -18.69 10.39
N LEU B 11 0.43 -19.58 11.10
CA LEU B 11 -1.01 -19.63 11.15
C LEU B 11 -1.48 -18.83 12.37
N VAL B 12 -2.58 -18.10 12.22
CA VAL B 12 -3.02 -17.18 13.26
C VAL B 12 -4.54 -17.09 13.23
N GLN B 13 -5.17 -17.20 14.39
CA GLN B 13 -6.61 -17.07 14.46
C GLN B 13 -7.03 -15.62 14.26
N PRO B 14 -8.21 -15.39 13.71
CA PRO B 14 -8.68 -14.01 13.51
C PRO B 14 -8.68 -13.26 14.83
N GLY B 15 -7.92 -12.17 14.88
CA GLY B 15 -7.76 -11.39 16.08
C GLY B 15 -6.44 -11.58 16.79
N GLY B 16 -5.70 -12.65 16.49
CA GLY B 16 -4.42 -12.91 17.12
C GLY B 16 -3.32 -12.00 16.61
N SER B 17 -2.12 -12.21 17.15
CA SER B 17 -1.00 -11.33 16.92
C SER B 17 0.16 -12.13 16.37
N LEU B 18 0.97 -11.47 15.53
CA LEU B 18 2.12 -12.11 14.90
C LEU B 18 3.23 -11.08 14.79
N ARG B 19 4.47 -11.53 14.98
CA ARG B 19 5.63 -10.66 14.77
C ARG B 19 6.53 -11.29 13.73
N LEU B 20 6.80 -10.54 12.68
CA LEU B 20 7.67 -10.95 11.60
C LEU B 20 9.04 -10.35 11.82
N SER B 21 10.05 -10.99 11.25
CA SER B 21 11.40 -10.45 11.30
C SER B 21 12.04 -10.63 9.94
N CYS B 22 13.05 -9.81 9.67
CA CYS B 22 13.74 -9.82 8.40
C CYS B 22 15.20 -9.51 8.68
N ALA B 23 16.04 -10.54 8.60
CA ALA B 23 17.47 -10.42 8.85
C ALA B 23 18.20 -10.11 7.54
N ALA B 24 19.05 -9.09 7.58
CA ALA B 24 19.69 -8.56 6.39
C ALA B 24 21.17 -8.91 6.37
N SER B 25 21.70 -9.16 5.16
CA SER B 25 23.13 -9.33 4.92
C SER B 25 23.49 -8.53 3.68
N GLY B 26 24.43 -7.58 3.84
CA GLY B 26 24.90 -6.80 2.73
C GLY B 26 24.35 -5.39 2.66
N ILE B 27 23.28 -5.10 3.40
CA ILE B 27 22.81 -3.73 3.58
C ILE B 27 22.69 -3.53 5.08
N THR B 28 22.74 -2.27 5.49
CA THR B 28 22.61 -1.93 6.89
C THR B 28 21.18 -1.47 7.10
N VAL B 29 20.40 -2.25 7.85
CA VAL B 29 18.99 -1.92 7.97
C VAL B 29 18.82 -0.49 8.48
N SER B 30 19.60 -0.10 9.49
CA SER B 30 19.40 1.21 10.11
C SER B 30 19.77 2.35 9.18
N SER B 31 20.44 2.09 8.07
CA SER B 31 20.88 3.14 7.18
C SER B 31 19.99 3.29 5.95
N ASN B 32 18.85 2.59 5.92
CA ASN B 32 18.02 2.54 4.71
C ASN B 32 16.56 2.81 5.00
N TYR B 33 15.89 3.37 4.00
CA TYR B 33 14.46 3.13 3.86
C TYR B 33 14.22 1.64 3.69
N MET B 34 13.41 1.06 4.58
CA MET B 34 13.03 -0.34 4.50
C MET B 34 11.51 -0.46 4.47
N ASN B 35 11.01 -1.39 3.64
CA ASN B 35 9.58 -1.62 3.47
C ASN B 35 9.20 -3.07 3.76
N TRP B 36 7.96 -3.21 4.26
CA TRP B 36 7.22 -4.46 4.21
C TRP B 36 6.18 -4.35 3.11
N VAL B 37 6.19 -5.31 2.18
CA VAL B 37 5.28 -5.38 1.05
C VAL B 37 4.71 -6.79 1.01
N ARG B 38 3.39 -6.89 0.97
CA ARG B 38 2.71 -8.18 1.05
C ARG B 38 1.95 -8.46 -0.24
N GLN B 39 1.68 -9.75 -0.47
CA GLN B 39 0.98 -10.20 -1.67
C GLN B 39 0.04 -11.31 -1.28
N ALA B 40 -1.24 -11.07 -1.39
CA ALA B 40 -2.20 -12.14 -1.14
C ALA B 40 -2.25 -13.09 -2.35
N PRO B 41 -2.59 -14.35 -2.12
CA PRO B 41 -2.43 -15.36 -3.20
C PRO B 41 -3.24 -15.00 -4.44
N GLY B 42 -2.56 -15.01 -5.58
CA GLY B 42 -3.19 -14.60 -6.82
C GLY B 42 -3.49 -13.11 -6.95
N LYS B 43 -3.01 -12.28 -6.03
CA LYS B 43 -3.27 -10.85 -6.09
C LYS B 43 -1.98 -10.06 -6.36
N GLY B 44 -2.11 -8.75 -6.38
CA GLY B 44 -1.00 -7.85 -6.62
C GLY B 44 -0.16 -7.57 -5.39
N LEU B 45 0.77 -6.65 -5.55
CA LEU B 45 1.65 -6.23 -4.47
C LEU B 45 1.03 -5.02 -3.79
N GLU B 46 1.08 -5.02 -2.47
CA GLU B 46 0.52 -3.96 -1.65
C GLU B 46 1.59 -3.51 -0.66
N TRP B 47 1.93 -2.24 -0.72
CA TRP B 47 2.82 -1.69 0.27
C TRP B 47 2.12 -1.59 1.62
N VAL B 48 2.88 -1.90 2.68
CA VAL B 48 2.33 -2.04 4.01
C VAL B 48 2.93 -1.05 5.00
N SER B 49 4.25 -0.92 5.03
CA SER B 49 4.83 0.04 5.97
C SER B 49 6.25 0.37 5.56
N LEU B 50 6.70 1.54 6.00
CA LEU B 50 8.01 2.07 5.63
C LEU B 50 8.66 2.68 6.86
N ILE B 51 9.96 2.45 7.04
CA ILE B 51 10.72 3.06 8.12
C ILE B 51 11.94 3.75 7.52
N TYR B 52 12.13 5.03 7.86
CA TYR B 52 13.28 5.84 7.47
C TYR B 52 14.50 5.49 8.30
N SER B 53 15.68 5.74 7.75
CA SER B 53 16.88 5.51 8.56
C SER B 53 16.88 6.39 9.82
N GLY B 54 16.40 7.62 9.72
CA GLY B 54 16.30 8.42 10.93
C GLY B 54 15.14 8.10 11.86
N GLY B 55 14.26 7.15 11.52
CA GLY B 55 13.26 6.63 12.43
C GLY B 55 11.81 6.95 12.09
N SER B 56 11.55 7.89 11.18
CA SER B 56 10.17 8.11 10.79
C SER B 56 9.57 6.85 10.18
N THR B 57 8.29 6.62 10.44
CA THR B 57 7.59 5.41 10.03
C THR B 57 6.26 5.77 9.39
N TYR B 58 5.85 4.97 8.40
CA TYR B 58 4.58 5.16 7.70
C TYR B 58 3.91 3.82 7.47
N TYR B 59 2.59 3.87 7.27
CA TYR B 59 1.73 2.70 7.24
C TYR B 59 0.62 2.90 6.23
N ALA B 60 0.31 1.84 5.49
CA ALA B 60 -0.86 1.87 4.63
C ALA B 60 -2.13 1.98 5.47
N ASP B 61 -3.16 2.61 4.89
CA ASP B 61 -4.41 2.81 5.62
C ASP B 61 -5.02 1.49 6.07
N SER B 62 -4.86 0.42 5.29
CA SER B 62 -5.48 -0.86 5.64
C SER B 62 -4.84 -1.54 6.85
N VAL B 63 -3.75 -0.99 7.40
CA VAL B 63 -3.13 -1.58 8.59
C VAL B 63 -2.79 -0.54 9.65
N LYS B 64 -3.07 0.74 9.42
CA LYS B 64 -2.77 1.74 10.43
C LYS B 64 -3.51 1.38 11.71
N GLY B 65 -2.83 1.52 12.84
CA GLY B 65 -3.34 1.15 14.12
C GLY B 65 -2.99 -0.27 14.51
N ARG B 66 -2.85 -1.18 13.55
CA ARG B 66 -2.60 -2.57 13.86
C ARG B 66 -1.14 -2.99 13.72
N PHE B 67 -0.43 -2.50 12.71
CA PHE B 67 0.94 -2.92 12.44
C PHE B 67 1.94 -1.90 12.99
N THR B 68 3.13 -2.40 13.36
CA THR B 68 4.22 -1.56 13.85
C THR B 68 5.52 -2.03 13.23
N ILE B 69 6.13 -1.20 12.43
CA ILE B 69 7.43 -1.51 11.85
C ILE B 69 8.52 -1.05 12.82
N SER B 70 9.58 -1.81 12.95
CA SER B 70 10.68 -1.45 13.85
C SER B 70 11.91 -2.24 13.43
N ARG B 71 13.02 -1.99 14.12
CA ARG B 71 14.27 -2.62 13.73
C ARG B 71 15.20 -2.73 14.94
N ASP B 72 16.17 -3.62 14.81
CA ASP B 72 17.20 -3.85 15.82
C ASP B 72 18.55 -3.64 15.16
N ASN B 73 19.23 -2.56 15.54
CA ASN B 73 20.53 -2.28 14.96
C ASN B 73 21.53 -3.38 15.26
N SER B 74 21.56 -3.83 16.53
CA SER B 74 22.50 -4.87 16.94
C SER B 74 22.43 -6.08 16.03
N LYS B 75 21.23 -6.51 15.69
CA LYS B 75 20.98 -7.73 14.94
C LYS B 75 20.79 -7.47 13.45
N ASN B 76 20.95 -6.22 13.00
CA ASN B 76 20.75 -5.83 11.61
C ASN B 76 19.44 -6.40 11.04
N THR B 77 18.36 -6.24 11.81
CA THR B 77 17.12 -6.94 11.52
C THR B 77 15.91 -6.00 11.63
N LEU B 78 15.00 -6.14 10.67
CA LEU B 78 13.77 -5.37 10.59
C LEU B 78 12.60 -6.21 11.10
N TYR B 79 11.70 -5.59 11.84
CA TYR B 79 10.54 -6.30 12.36
C TYR B 79 9.24 -5.71 11.85
N LEU B 80 8.19 -6.52 11.87
CA LEU B 80 6.84 -6.02 11.67
C LEU B 80 5.93 -6.68 12.69
N GLN B 81 5.30 -5.88 13.55
CA GLN B 81 4.41 -6.37 14.58
C GLN B 81 2.96 -6.21 14.11
N MET B 82 2.22 -7.33 14.05
CA MET B 82 0.85 -7.34 13.55
C MET B 82 -0.09 -7.72 14.68
N ASN B 83 -1.15 -6.92 14.86
CA ASN B 83 -2.16 -7.16 15.89
C ASN B 83 -3.55 -7.08 15.28
N SER B 84 -4.54 -7.60 15.99
CA SER B 84 -5.93 -7.61 15.49
C SER B 84 -5.98 -8.14 14.07
N LEU B 85 -5.25 -9.23 13.82
CA LEU B 85 -5.14 -9.78 12.47
C LEU B 85 -6.51 -10.19 11.93
N ARG B 86 -6.72 -9.95 10.64
CA ARG B 86 -7.97 -10.30 9.98
C ARG B 86 -7.70 -11.24 8.81
N ALA B 87 -8.76 -11.93 8.39
CA ALA B 87 -8.60 -12.86 7.28
C ALA B 87 -7.91 -12.17 6.10
N GLU B 88 -8.25 -10.91 5.85
CA GLU B 88 -7.73 -10.15 4.70
C GLU B 88 -6.23 -9.89 4.78
N ASP B 89 -5.60 -10.13 5.92
CA ASP B 89 -4.16 -9.95 6.02
C ASP B 89 -3.40 -11.20 5.60
N THR B 90 -4.12 -12.23 5.16
CA THR B 90 -3.49 -13.44 4.68
C THR B 90 -2.64 -13.12 3.45
N ALA B 91 -1.34 -13.35 3.54
CA ALA B 91 -0.48 -12.97 2.43
C ALA B 91 0.94 -13.49 2.66
N VAL B 92 1.74 -13.43 1.61
CA VAL B 92 3.19 -13.51 1.75
C VAL B 92 3.73 -12.13 2.08
N TYR B 93 4.62 -12.07 3.07
CA TYR B 93 5.16 -10.80 3.53
C TYR B 93 6.63 -10.74 3.14
N HIS B 94 6.98 -9.74 2.33
CA HIS B 94 8.35 -9.46 1.95
C HIS B 94 8.84 -8.20 2.65
N CYS B 95 10.09 -8.21 3.07
CA CYS B 95 10.82 -6.97 3.31
C CYS B 95 11.70 -6.67 2.10
N ALA B 96 11.94 -5.37 1.89
CA ALA B 96 12.71 -4.89 0.76
C ALA B 96 13.47 -3.64 1.17
N ARG B 97 14.65 -3.44 0.57
CA ARG B 97 15.38 -2.20 0.74
C ARG B 97 14.95 -1.22 -0.34
N ASP B 98 14.62 0.00 0.08
CA ASP B 98 14.00 1.00 -0.79
C ASP B 98 14.99 2.14 -1.09
N LEU B 99 15.30 2.40 -2.33
CA LEU B 99 16.19 3.52 -2.70
C LEU B 99 15.35 4.64 -3.32
N VAL B 100 14.04 4.63 -3.16
CA VAL B 100 13.08 5.65 -3.65
C VAL B 100 13.26 5.98 -5.12
N VAL B 101 14.15 6.90 -5.44
CA VAL B 101 14.46 7.28 -6.84
C VAL B 101 15.04 6.09 -7.61
N TYR B 102 15.69 5.16 -6.93
CA TYR B 102 16.22 4.02 -7.65
C TYR B 102 15.38 2.77 -7.45
N GLY B 103 14.16 2.89 -6.90
CA GLY B 103 13.30 1.74 -6.70
C GLY B 103 13.75 0.84 -5.55
N MET B 104 13.07 -0.30 -5.45
CA MET B 104 13.37 -1.31 -4.43
C MET B 104 14.21 -2.40 -5.07
N ASP B 105 15.51 -2.38 -4.79
CA ASP B 105 16.45 -3.22 -5.53
C ASP B 105 16.60 -4.61 -4.90
N VAL B 106 16.59 -4.70 -3.57
CA VAL B 106 16.74 -5.95 -2.85
C VAL B 106 15.41 -6.33 -2.20
N TRP B 107 15.02 -7.59 -2.36
CA TRP B 107 13.79 -8.15 -1.79
C TRP B 107 14.10 -9.49 -1.15
N GLY B 108 13.36 -9.82 -0.08
CA GLY B 108 13.37 -11.16 0.44
C GLY B 108 12.39 -12.07 -0.27
N GLN B 109 12.58 -13.38 -0.13
CA GLN B 109 11.59 -14.32 -0.66
C GLN B 109 10.31 -14.33 0.15
N GLY B 110 10.29 -13.74 1.33
CA GLY B 110 9.05 -13.58 2.05
C GLY B 110 8.75 -14.72 3.00
N THR B 111 7.73 -14.50 3.82
CA THR B 111 7.25 -15.46 4.80
C THR B 111 5.74 -15.36 4.81
N THR B 112 5.05 -16.52 4.82
CA THR B 112 3.62 -16.50 4.59
C THR B 112 2.86 -16.47 5.91
N VAL B 113 1.84 -15.61 5.97
CA VAL B 113 0.98 -15.40 7.13
C VAL B 113 -0.45 -15.80 6.73
N THR B 114 -1.02 -16.78 7.44
CA THR B 114 -2.38 -17.24 7.14
C THR B 114 -3.27 -16.97 8.35
N VAL B 115 -4.32 -16.19 8.14
CA VAL B 115 -5.26 -15.82 9.19
C VAL B 115 -6.55 -16.58 8.93
N SER B 116 -6.92 -17.45 9.85
CA SER B 116 -8.06 -18.33 9.60
C SER B 116 -8.49 -19.01 10.89
N SER B 117 -9.79 -19.23 11.01
CA SER B 117 -10.34 -20.00 12.13
C SER B 117 -10.18 -21.51 11.96
N ALA B 118 -9.86 -21.98 10.77
CA ALA B 118 -9.81 -23.40 10.52
C ALA B 118 -8.75 -24.06 11.39
N SER B 119 -9.01 -25.31 11.77
CA SER B 119 -8.05 -26.15 12.48
C SER B 119 -7.31 -27.01 11.47
N THR B 120 -6.05 -27.30 11.76
CA THR B 120 -5.24 -27.98 10.78
C THR B 120 -5.67 -29.44 10.70
N LYS B 121 -6.03 -29.89 9.50
CA LYS B 121 -6.64 -31.18 9.26
C LYS B 121 -6.04 -31.80 7.99
N GLY B 122 -5.79 -33.10 8.04
CA GLY B 122 -5.30 -33.83 6.90
C GLY B 122 -6.38 -34.13 5.89
N PRO B 123 -5.97 -34.32 4.64
CA PRO B 123 -6.95 -34.51 3.57
C PRO B 123 -7.49 -35.92 3.50
N SER B 124 -8.76 -36.02 3.13
CA SER B 124 -9.27 -37.26 2.55
C SER B 124 -8.91 -37.27 1.08
N VAL B 125 -8.44 -38.42 0.58
CA VAL B 125 -7.99 -38.54 -0.81
C VAL B 125 -8.92 -39.50 -1.51
N PHE B 126 -9.65 -39.00 -2.53
CA PHE B 126 -10.63 -39.83 -3.21
C PHE B 126 -10.22 -40.09 -4.65
N PRO B 127 -10.60 -41.24 -5.21
CA PRO B 127 -10.20 -41.56 -6.59
C PRO B 127 -11.06 -40.82 -7.60
N LEU B 128 -10.42 -40.35 -8.67
CA LEU B 128 -11.10 -39.89 -9.88
C LEU B 128 -10.88 -41.00 -10.94
N ALA B 129 -11.87 -41.89 -11.06
CA ALA B 129 -11.62 -43.14 -11.79
C ALA B 129 -11.97 -43.01 -13.26
N PRO B 130 -11.19 -43.67 -14.12
CA PRO B 130 -11.30 -43.44 -15.58
C PRO B 130 -12.54 -44.07 -16.19
N SER B 131 -13.22 -43.29 -17.05
CA SER B 131 -14.45 -43.72 -17.70
C SER B 131 -14.22 -44.89 -18.68
C GLY B 138 -6.75 -42.06 -26.55
N THR B 139 -7.27 -41.20 -25.66
CA THR B 139 -6.60 -40.86 -24.41
C THR B 139 -7.58 -40.94 -23.25
N ALA B 140 -7.10 -41.48 -22.13
CA ALA B 140 -7.87 -41.58 -20.90
C ALA B 140 -7.30 -40.61 -19.87
N ALA B 141 -8.13 -40.30 -18.87
CA ALA B 141 -7.77 -39.43 -17.75
C ALA B 141 -8.15 -40.09 -16.44
N LEU B 142 -7.28 -39.96 -15.43
CA LEU B 142 -7.59 -40.43 -14.09
C LEU B 142 -6.92 -39.48 -13.11
N GLY B 143 -7.30 -39.58 -11.84
CA GLY B 143 -6.77 -38.61 -10.91
C GLY B 143 -7.09 -38.94 -9.46
N CYS B 144 -6.70 -38.01 -8.60
CA CYS B 144 -7.04 -38.07 -7.20
C CYS B 144 -7.65 -36.74 -6.78
N LEU B 145 -8.66 -36.81 -5.93
CA LEU B 145 -9.32 -35.65 -5.35
C LEU B 145 -8.85 -35.56 -3.91
N VAL B 146 -8.11 -34.50 -3.59
CA VAL B 146 -7.48 -34.29 -2.29
C VAL B 146 -8.29 -33.21 -1.59
N LYS B 147 -9.21 -33.63 -0.72
CA LYS B 147 -10.31 -32.79 -0.27
C LYS B 147 -10.23 -32.52 1.22
N ASP B 148 -10.53 -31.28 1.61
CA ASP B 148 -10.75 -30.88 3.00
C ASP B 148 -9.50 -31.03 3.88
N TYR B 149 -8.50 -30.22 3.55
CA TYR B 149 -7.24 -30.15 4.29
C TYR B 149 -6.93 -28.71 4.71
N PHE B 150 -6.13 -28.52 5.75
CA PHE B 150 -5.70 -27.19 6.22
C PHE B 150 -4.43 -27.38 7.04
N PRO B 151 -3.39 -26.53 6.94
CA PRO B 151 -3.30 -25.51 5.89
C PRO B 151 -2.56 -25.89 4.60
N GLU B 152 -2.42 -24.98 3.63
CA GLU B 152 -1.51 -25.32 2.54
C GLU B 152 -0.13 -25.67 3.11
N PRO B 153 0.70 -26.42 2.36
CA PRO B 153 0.42 -27.05 1.07
C PRO B 153 0.30 -28.57 1.19
N VAL B 154 -0.08 -29.22 0.09
CA VAL B 154 0.08 -30.65 -0.08
C VAL B 154 1.06 -30.84 -1.21
N THR B 155 1.71 -32.00 -1.22
CA THR B 155 2.49 -32.45 -2.36
C THR B 155 1.83 -33.69 -2.91
N VAL B 156 1.79 -33.80 -4.24
CA VAL B 156 1.23 -34.96 -4.90
C VAL B 156 2.25 -35.49 -5.89
N SER B 157 2.52 -36.79 -5.82
CA SER B 157 3.29 -37.47 -6.83
C SER B 157 2.49 -38.66 -7.30
N TRP B 158 2.89 -39.21 -8.44
CA TRP B 158 2.23 -40.38 -9.00
C TRP B 158 3.23 -41.52 -9.10
N ASN B 159 2.81 -42.71 -8.68
CA ASN B 159 3.65 -43.91 -8.66
C ASN B 159 5.02 -43.58 -8.08
N SER B 160 4.99 -43.12 -6.82
CA SER B 160 6.19 -42.81 -6.04
C SER B 160 7.19 -41.99 -6.85
N GLY B 161 6.69 -41.18 -7.77
CA GLY B 161 7.53 -40.29 -8.56
C GLY B 161 7.87 -40.80 -9.95
N ALA B 162 7.56 -42.06 -10.26
CA ALA B 162 7.90 -42.59 -11.57
C ALA B 162 7.10 -41.91 -12.67
N LEU B 163 5.78 -41.83 -12.52
CA LEU B 163 4.91 -41.26 -13.53
C LEU B 163 4.90 -39.75 -13.44
N THR B 164 5.37 -39.08 -14.50
CA THR B 164 5.51 -37.63 -14.42
C THR B 164 4.93 -36.88 -15.62
N SER B 165 5.03 -37.43 -16.83
CA SER B 165 4.46 -36.76 -17.97
C SER B 165 2.95 -36.96 -17.99
N GLY B 166 2.24 -35.94 -18.48
CA GLY B 166 0.80 -35.95 -18.48
C GLY B 166 0.16 -35.56 -17.16
N VAL B 167 0.95 -35.31 -16.11
CA VAL B 167 0.39 -34.99 -14.79
C VAL B 167 0.05 -33.51 -14.72
N HIS B 168 -1.11 -33.20 -14.16
CA HIS B 168 -1.51 -31.84 -13.85
C HIS B 168 -2.00 -31.82 -12.41
N THR B 169 -1.27 -31.16 -11.53
CA THR B 169 -1.75 -30.95 -10.18
C THR B 169 -2.20 -29.50 -10.05
N PHE B 170 -3.44 -29.32 -9.74
CA PHE B 170 -4.06 -28.01 -9.84
C PHE B 170 -3.88 -27.22 -8.55
N PRO B 171 -3.84 -25.89 -8.66
CA PRO B 171 -3.84 -25.07 -7.44
C PRO B 171 -5.07 -25.38 -6.62
N ALA B 172 -4.92 -25.34 -5.30
CA ALA B 172 -6.03 -25.63 -4.41
C ALA B 172 -7.05 -24.49 -4.48
N VAL B 173 -8.31 -24.81 -4.16
CA VAL B 173 -9.35 -23.81 -3.96
C VAL B 173 -9.72 -23.80 -2.48
N LEU B 174 -9.89 -22.61 -1.94
CA LEU B 174 -10.45 -22.44 -0.61
C LEU B 174 -11.96 -22.60 -0.70
N GLN B 175 -12.50 -23.53 0.05
CA GLN B 175 -13.92 -23.79 0.15
C GLN B 175 -14.56 -22.91 1.23
N SER B 176 -15.87 -22.73 1.11
CA SER B 176 -16.59 -21.92 2.07
C SER B 176 -16.44 -22.45 3.49
N SER B 177 -16.08 -23.72 3.65
CA SER B 177 -15.77 -24.30 4.95
C SER B 177 -14.43 -23.84 5.51
N GLY B 178 -13.59 -23.20 4.72
CA GLY B 178 -12.26 -22.84 5.18
C GLY B 178 -11.21 -23.91 5.04
N LEU B 179 -11.55 -25.08 4.49
CA LEU B 179 -10.60 -26.12 4.14
C LEU B 179 -10.28 -26.05 2.65
N TYR B 180 -9.12 -26.56 2.29
CA TYR B 180 -8.69 -26.57 0.91
C TYR B 180 -9.10 -27.87 0.23
N SER B 181 -9.06 -27.84 -1.09
CA SER B 181 -9.40 -28.99 -1.90
C SER B 181 -8.71 -28.81 -3.25
N LEU B 182 -8.07 -29.86 -3.75
CA LEU B 182 -7.38 -29.77 -5.03
C LEU B 182 -7.45 -31.12 -5.73
N SER B 183 -7.17 -31.07 -7.02
CA SER B 183 -7.15 -32.25 -7.86
C SER B 183 -5.80 -32.38 -8.54
N SER B 184 -5.38 -33.62 -8.66
CA SER B 184 -4.22 -34.00 -9.45
C SER B 184 -4.69 -35.06 -10.42
N VAL B 185 -4.44 -34.82 -11.71
CA VAL B 185 -4.87 -35.73 -12.77
C VAL B 185 -3.68 -36.08 -13.65
N VAL B 186 -3.82 -37.22 -14.34
CA VAL B 186 -2.88 -37.62 -15.37
C VAL B 186 -3.67 -38.24 -16.52
N THR B 187 -3.30 -37.88 -17.75
CA THR B 187 -3.81 -38.55 -18.92
C THR B 187 -2.79 -39.58 -19.39
N VAL B 188 -3.29 -40.72 -19.84
CA VAL B 188 -2.51 -41.85 -20.34
C VAL B 188 -3.20 -42.34 -21.59
N PRO B 189 -2.48 -43.09 -22.44
CA PRO B 189 -3.14 -43.71 -23.59
C PRO B 189 -4.18 -44.71 -23.12
N SER B 190 -5.33 -44.70 -23.77
CA SER B 190 -6.42 -45.54 -23.28
C SER B 190 -5.99 -47.00 -23.19
N SER B 191 -5.15 -47.44 -24.13
CA SER B 191 -4.73 -48.83 -24.15
C SER B 191 -3.90 -49.21 -22.93
N SER B 192 -3.36 -48.25 -22.19
CA SER B 192 -2.54 -48.57 -21.03
C SER B 192 -3.34 -48.55 -19.74
N LEU B 193 -4.66 -48.39 -19.83
CA LEU B 193 -5.48 -48.30 -18.63
C LEU B 193 -5.33 -49.55 -17.76
N GLY B 194 -5.48 -50.72 -18.37
CA GLY B 194 -5.45 -51.96 -17.63
C GLY B 194 -4.10 -52.65 -17.58
N THR B 195 -3.01 -51.91 -17.79
CA THR B 195 -1.68 -52.52 -17.84
C THR B 195 -0.71 -52.04 -16.77
N GLN B 196 -0.89 -50.87 -16.20
CA GLN B 196 -0.10 -50.43 -15.06
C GLN B 196 -1.03 -50.09 -13.92
N THR B 197 -0.49 -50.12 -12.70
CA THR B 197 -1.24 -49.58 -11.59
C THR B 197 -0.92 -48.09 -11.43
N TYR B 198 -1.88 -47.33 -10.91
CA TYR B 198 -1.79 -45.88 -10.80
C TYR B 198 -2.12 -45.46 -9.38
N ILE B 199 -1.12 -44.96 -8.66
CA ILE B 199 -1.22 -44.60 -7.25
C ILE B 199 -0.85 -43.13 -7.10
N CYS B 200 -1.67 -42.37 -6.40
CA CYS B 200 -1.29 -40.99 -6.09
C CYS B 200 -0.72 -40.94 -4.68
N ASN B 201 0.39 -40.24 -4.53
CA ASN B 201 1.09 -40.16 -3.25
C ASN B 201 0.88 -38.76 -2.71
N VAL B 202 0.06 -38.67 -1.65
CA VAL B 202 -0.37 -37.40 -1.12
C VAL B 202 0.26 -37.22 0.25
N ASN B 203 0.90 -36.07 0.46
CA ASN B 203 1.58 -35.79 1.70
C ASN B 203 1.17 -34.42 2.22
N HIS B 204 0.73 -34.36 3.47
CA HIS B 204 0.32 -33.12 4.10
C HIS B 204 1.15 -32.91 5.36
N LYS B 205 2.30 -32.25 5.21
CA LYS B 205 3.24 -32.08 6.31
C LYS B 205 2.61 -31.50 7.56
N PRO B 206 1.83 -30.42 7.49
CA PRO B 206 1.30 -29.82 8.73
C PRO B 206 0.57 -30.81 9.61
N SER B 207 -0.22 -31.72 9.05
CA SER B 207 -0.93 -32.70 9.85
C SER B 207 -0.19 -34.02 9.95
N ASN B 208 0.97 -34.12 9.31
CA ASN B 208 1.71 -35.36 9.24
C ASN B 208 0.84 -36.48 8.68
N THR B 209 0.24 -36.21 7.52
CA THR B 209 -0.58 -37.15 6.79
C THR B 209 0.12 -37.51 5.49
N LYS B 210 0.32 -38.81 5.25
CA LYS B 210 0.81 -39.33 3.98
C LYS B 210 -0.13 -40.44 3.54
N VAL B 211 -0.76 -40.25 2.39
CA VAL B 211 -1.76 -41.18 1.88
C VAL B 211 -1.32 -41.67 0.53
N ASP B 212 -1.35 -42.99 0.35
CA ASP B 212 -1.22 -43.62 -0.93
C ASP B 212 -2.59 -44.16 -1.30
N LYS B 213 -3.14 -43.67 -2.41
CA LYS B 213 -4.44 -44.11 -2.91
C LYS B 213 -4.28 -44.64 -4.32
N LYS B 214 -4.71 -45.87 -4.52
CA LYS B 214 -4.72 -46.54 -5.83
C LYS B 214 -6.01 -46.19 -6.54
N VAL B 215 -5.93 -45.97 -7.84
CA VAL B 215 -7.07 -45.49 -8.62
C VAL B 215 -7.37 -46.51 -9.71
N GLU B 216 -8.55 -47.11 -9.64
CA GLU B 216 -8.86 -48.16 -10.60
C GLU B 216 -10.16 -47.85 -11.31
N PRO B 217 -10.32 -48.35 -12.54
CA PRO B 217 -11.64 -48.36 -13.18
C PRO B 217 -12.65 -49.17 -12.39
N GLU C 1 -4.66 8.00 -2.92
CA GLU C 1 -3.48 8.73 -3.40
C GLU C 1 -3.43 8.62 -4.91
N ILE C 2 -2.24 8.34 -5.44
CA ILE C 2 -2.05 8.06 -6.85
C ILE C 2 -2.49 6.63 -7.12
N VAL C 3 -3.34 6.44 -8.12
CA VAL C 3 -3.80 5.12 -8.54
C VAL C 3 -3.09 4.76 -9.84
N LEU C 4 -2.42 3.62 -9.86
CA LEU C 4 -1.73 3.15 -11.06
C LEU C 4 -2.57 2.07 -11.74
N THR C 5 -2.85 2.28 -13.02
CA THR C 5 -3.67 1.37 -13.80
C THR C 5 -2.85 0.83 -14.95
N GLN C 6 -2.66 -0.47 -14.98
CA GLN C 6 -1.84 -1.09 -16.02
C GLN C 6 -2.71 -1.71 -17.09
N SER C 7 -2.20 -1.68 -18.32
CA SER C 7 -2.88 -2.21 -19.48
C SER C 7 -1.91 -3.01 -20.35
N PRO C 8 -2.36 -4.11 -20.98
CA PRO C 8 -3.67 -4.76 -20.78
C PRO C 8 -3.60 -5.67 -19.57
N GLY C 9 -4.70 -6.33 -19.20
CA GLY C 9 -4.61 -7.27 -18.10
C GLY C 9 -3.65 -8.41 -18.43
N THR C 10 -3.80 -8.97 -19.62
CA THR C 10 -2.96 -10.04 -20.13
C THR C 10 -2.51 -9.69 -21.53
N LEU C 11 -1.25 -9.94 -21.82
CA LEU C 11 -0.68 -9.69 -23.13
C LEU C 11 -0.21 -11.04 -23.67
N SER C 12 -0.78 -11.41 -24.80
CA SER C 12 -0.46 -12.69 -25.44
C SER C 12 0.45 -12.39 -26.60
N LEU C 13 1.69 -12.83 -26.50
CA LEU C 13 2.70 -12.57 -27.55
C LEU C 13 3.62 -13.78 -27.65
N SER C 14 4.35 -13.88 -28.74
CA SER C 14 5.21 -15.05 -28.97
C SER C 14 6.68 -14.75 -28.67
N PRO C 15 7.56 -15.73 -28.39
CA PRO C 15 8.98 -15.45 -28.15
C PRO C 15 9.60 -14.80 -29.38
N GLY C 16 10.51 -13.87 -29.13
CA GLY C 16 11.17 -13.16 -30.19
C GLY C 16 10.47 -11.89 -30.62
N GLU C 17 9.20 -11.72 -30.28
CA GLU C 17 8.44 -10.54 -30.65
C GLU C 17 8.77 -9.39 -29.70
N ARG C 18 8.28 -8.19 -30.05
CA ARG C 18 8.39 -7.04 -29.16
C ARG C 18 7.16 -6.94 -28.27
N ALA C 19 7.38 -6.63 -27.00
CA ALA C 19 6.30 -6.43 -26.05
C ALA C 19 6.28 -4.98 -25.60
N THR C 20 5.07 -4.42 -25.52
CA THR C 20 4.85 -3.09 -24.99
C THR C 20 3.79 -3.15 -23.90
N LEU C 21 4.17 -2.77 -22.69
CA LEU C 21 3.26 -2.77 -21.55
C LEU C 21 3.06 -1.34 -21.09
N SER C 22 1.85 -1.03 -20.61
CA SER C 22 1.47 0.33 -20.29
C SER C 22 1.15 0.48 -18.81
N CYS C 23 1.39 1.67 -18.31
CA CYS C 23 1.13 2.03 -16.93
C CYS C 23 0.57 3.44 -16.94
N ARG C 24 -0.64 3.62 -16.39
CA ARG C 24 -1.29 4.91 -16.41
C ARG C 24 -1.57 5.39 -14.98
N ALA C 25 -1.20 6.64 -14.72
CA ALA C 25 -1.30 7.24 -13.40
C ALA C 25 -2.51 8.16 -13.33
N SER C 26 -3.19 8.17 -12.18
CA SER C 26 -4.41 8.95 -12.02
C SER C 26 -4.14 10.45 -11.99
N GLN C 27 -2.88 10.85 -11.77
CA GLN C 27 -2.46 12.24 -11.84
C GLN C 27 -1.08 12.29 -12.50
N SER C 28 -0.75 13.43 -13.10
CA SER C 28 0.55 13.58 -13.75
C SER C 28 1.65 13.76 -12.71
N VAL C 29 2.70 12.95 -12.82
CA VAL C 29 3.70 12.84 -11.78
C VAL C 29 5.08 13.00 -12.41
N SER C 30 6.06 13.28 -11.56
CA SER C 30 7.43 13.25 -12.01
C SER C 30 7.79 11.83 -12.44
N SER C 31 8.41 11.72 -13.61
CA SER C 31 8.88 10.42 -14.06
C SER C 31 10.06 9.92 -13.24
N SER C 32 10.66 10.76 -12.39
CA SER C 32 11.76 10.33 -11.54
C SER C 32 11.33 9.28 -10.50
N TYR C 33 10.04 9.15 -10.20
CA TYR C 33 9.61 8.22 -9.16
C TYR C 33 8.67 7.16 -9.73
N LEU C 34 9.06 6.59 -10.86
CA LEU C 34 8.32 5.50 -11.49
C LEU C 34 9.27 4.36 -11.81
N ALA C 35 8.95 3.16 -11.31
CA ALA C 35 9.79 1.99 -11.52
C ALA C 35 8.97 0.83 -12.06
N TRP C 36 9.64 -0.13 -12.69
CA TRP C 36 9.01 -1.35 -13.20
C TRP C 36 9.68 -2.58 -12.59
N TYR C 37 8.85 -3.57 -12.26
CA TYR C 37 9.29 -4.84 -11.69
C TYR C 37 8.78 -6.01 -12.51
N GLN C 38 9.53 -7.10 -12.46
CA GLN C 38 9.12 -8.38 -13.01
C GLN C 38 8.97 -9.37 -11.87
N GLN C 39 7.90 -10.14 -11.86
CA GLN C 39 7.75 -11.22 -10.87
C GLN C 39 7.45 -12.53 -11.57
N LYS C 40 8.20 -13.53 -11.24
CA LYS C 40 7.91 -14.86 -11.75
C LYS C 40 7.17 -15.66 -10.70
N PRO C 41 6.43 -16.70 -11.10
CA PRO C 41 5.61 -17.43 -10.12
C PRO C 41 6.45 -17.97 -8.96
N GLY C 42 5.97 -17.72 -7.75
CA GLY C 42 6.65 -18.13 -6.55
C GLY C 42 7.90 -17.35 -6.19
N GLN C 43 8.21 -16.26 -6.88
CA GLN C 43 9.48 -15.58 -6.68
C GLN C 43 9.25 -14.14 -6.28
N ALA C 44 10.22 -13.58 -5.56
CA ALA C 44 10.19 -12.17 -5.24
C ALA C 44 10.25 -11.33 -6.52
N PRO C 45 9.65 -10.15 -6.50
CA PRO C 45 9.81 -9.22 -7.62
C PRO C 45 11.27 -8.87 -7.87
N ARG C 46 11.58 -8.60 -9.13
CA ARG C 46 12.90 -8.15 -9.57
C ARG C 46 12.76 -6.76 -10.18
N LEU C 47 13.53 -5.80 -9.68
CA LEU C 47 13.47 -4.44 -10.21
C LEU C 47 14.09 -4.40 -11.61
N LEU C 48 13.40 -3.79 -12.57
CA LEU C 48 13.91 -3.69 -13.92
C LEU C 48 14.29 -2.29 -14.33
N ILE C 49 13.48 -1.29 -13.96
CA ILE C 49 13.60 0.07 -14.43
C ILE C 49 13.32 1.01 -13.27
N TYR C 50 14.13 2.06 -13.15
CA TYR C 50 13.85 3.16 -12.23
C TYR C 50 13.95 4.47 -13.01
N GLY C 51 13.38 5.53 -12.45
CA GLY C 51 13.35 6.82 -13.13
C GLY C 51 12.69 6.74 -14.50
N ALA C 52 11.73 5.83 -14.66
CA ALA C 52 10.92 5.62 -15.85
C ALA C 52 11.70 5.05 -17.03
N SER C 53 13.00 5.30 -17.06
CA SER C 53 13.76 4.94 -18.25
C SER C 53 15.13 4.36 -17.98
N SER C 54 15.61 4.34 -16.74
CA SER C 54 16.93 3.86 -16.44
C SER C 54 16.86 2.40 -16.04
N ARG C 55 17.67 1.59 -16.70
CA ARG C 55 17.66 0.16 -16.46
C ARG C 55 18.47 -0.18 -15.22
N ALA C 56 17.85 -0.86 -14.26
CA ALA C 56 18.55 -1.19 -13.04
C ALA C 56 19.78 -2.02 -13.35
N THR C 57 20.73 -2.01 -12.43
CA THR C 57 22.00 -2.65 -12.69
C THR C 57 21.79 -4.15 -12.90
N GLY C 58 22.48 -4.70 -13.91
CA GLY C 58 22.37 -6.11 -14.23
C GLY C 58 21.23 -6.51 -15.14
N ILE C 59 20.34 -5.58 -15.47
CA ILE C 59 19.12 -5.91 -16.23
C ILE C 59 19.48 -5.98 -17.71
N PRO C 60 19.13 -7.06 -18.40
CA PRO C 60 19.52 -7.21 -19.80
C PRO C 60 19.03 -6.08 -20.70
N ASP C 61 19.65 -5.99 -21.86
CA ASP C 61 19.48 -4.85 -22.76
C ASP C 61 18.09 -4.79 -23.39
N ARG C 62 17.41 -5.92 -23.51
CA ARG C 62 16.15 -5.89 -24.25
C ARG C 62 15.08 -5.09 -23.51
N PHE C 63 15.27 -4.79 -22.22
CA PHE C 63 14.30 -4.02 -21.42
C PHE C 63 14.60 -2.53 -21.51
N SER C 64 13.56 -1.72 -21.71
CA SER C 64 13.68 -0.27 -21.69
C SER C 64 12.34 0.34 -21.28
N GLY C 65 12.38 1.60 -20.86
CA GLY C 65 11.18 2.30 -20.44
C GLY C 65 11.16 3.73 -20.93
N SER C 66 9.96 4.28 -21.00
CA SER C 66 9.77 5.68 -21.41
C SER C 66 8.44 6.18 -20.85
N GLY C 67 8.10 7.42 -21.19
CA GLY C 67 6.84 8.02 -20.80
C GLY C 67 7.05 9.24 -19.92
N SER C 68 5.93 9.90 -19.61
CA SER C 68 5.93 11.13 -18.82
C SER C 68 4.51 11.49 -18.42
N GLY C 69 4.39 12.17 -17.27
CA GLY C 69 3.09 12.62 -16.81
C GLY C 69 2.21 11.51 -16.29
N THR C 70 1.23 11.11 -17.11
CA THR C 70 0.37 9.99 -16.75
C THR C 70 0.68 8.71 -17.49
N ASP C 71 1.41 8.73 -18.60
CA ASP C 71 1.56 7.55 -19.44
C ASP C 71 3.01 7.07 -19.47
N PHE C 72 3.23 5.84 -19.01
CA PHE C 72 4.55 5.24 -19.02
C PHE C 72 4.51 3.88 -19.68
N THR C 73 5.67 3.47 -20.18
CA THR C 73 5.76 2.29 -21.01
C THR C 73 6.96 1.45 -20.60
N LEU C 74 6.75 0.14 -20.58
CA LEU C 74 7.82 -0.83 -20.52
C LEU C 74 7.85 -1.58 -21.85
N THR C 75 9.01 -1.64 -22.47
CA THR C 75 9.20 -2.32 -23.74
C THR C 75 10.22 -3.42 -23.60
N ILE C 76 9.89 -4.60 -24.11
CA ILE C 76 10.84 -5.71 -24.19
C ILE C 76 11.13 -5.92 -25.67
N SER C 77 12.38 -5.65 -26.06
CA SER C 77 12.70 -5.56 -27.48
C SER C 77 12.38 -6.86 -28.20
N ARG C 78 12.87 -7.99 -27.70
CA ARG C 78 12.56 -9.28 -28.30
C ARG C 78 12.45 -10.31 -27.19
N LEU C 79 11.25 -10.88 -27.03
CA LEU C 79 10.95 -11.66 -25.85
C LEU C 79 11.81 -12.92 -25.80
N GLU C 80 12.30 -13.23 -24.62
CA GLU C 80 12.92 -14.50 -24.28
C GLU C 80 11.93 -15.38 -23.55
N PRO C 81 12.02 -16.71 -23.66
CA PRO C 81 11.06 -17.55 -22.94
C PRO C 81 10.94 -17.20 -21.47
N GLU C 82 12.00 -16.69 -20.85
CA GLU C 82 11.97 -16.33 -19.43
C GLU C 82 11.17 -15.04 -19.16
N ASP C 83 10.83 -14.26 -20.19
CA ASP C 83 10.16 -12.98 -19.99
C ASP C 83 8.66 -13.12 -19.74
N PHE C 84 8.10 -14.32 -19.86
CA PHE C 84 6.67 -14.48 -19.71
C PHE C 84 6.36 -14.66 -18.23
N ALA C 85 6.04 -13.54 -17.60
CA ALA C 85 5.85 -13.43 -16.17
C ALA C 85 4.84 -12.31 -15.92
N VAL C 86 4.78 -11.81 -14.71
CA VAL C 86 3.97 -10.65 -14.37
C VAL C 86 4.87 -9.43 -14.19
N TYR C 87 4.40 -8.27 -14.67
CA TYR C 87 5.10 -7.00 -14.52
C TYR C 87 4.23 -5.99 -13.76
N TYR C 88 4.87 -5.22 -12.89
CA TYR C 88 4.21 -4.20 -12.09
C TYR C 88 4.94 -2.88 -12.29
N CYS C 89 4.19 -1.80 -12.38
CA CYS C 89 4.80 -0.49 -12.28
C CYS C 89 4.57 0.05 -10.88
N GLN C 90 5.39 1.02 -10.50
CA GLN C 90 5.40 1.54 -9.14
C GLN C 90 5.63 3.04 -9.20
N GLN C 91 4.92 3.77 -8.37
CA GLN C 91 5.08 5.21 -8.31
C GLN C 91 5.20 5.61 -6.85
N TYR C 92 5.92 6.68 -6.60
CA TYR C 92 6.27 7.11 -5.25
C TYR C 92 5.67 8.48 -4.98
N GLY C 93 4.71 8.53 -4.05
CA GLY C 93 4.24 9.80 -3.54
C GLY C 93 4.85 10.02 -2.18
N SER C 94 4.03 9.92 -1.13
CA SER C 94 4.55 9.78 0.22
C SER C 94 5.13 8.38 0.45
N SER C 95 4.64 7.41 -0.32
CA SER C 95 5.01 6.01 -0.15
C SER C 95 4.73 5.29 -1.45
N PRO C 96 5.25 4.08 -1.62
CA PRO C 96 5.05 3.37 -2.89
C PRO C 96 3.62 2.90 -3.07
N THR C 97 3.14 2.97 -4.32
CA THR C 97 1.95 2.25 -4.75
C THR C 97 2.27 1.51 -6.03
N PHE C 98 1.62 0.38 -6.24
CA PHE C 98 1.84 -0.41 -7.43
C PHE C 98 0.63 -0.40 -8.34
N GLY C 99 0.87 -0.62 -9.64
CA GLY C 99 -0.18 -1.03 -10.54
C GLY C 99 -0.67 -2.42 -10.17
N GLN C 100 -1.71 -2.86 -10.88
CA GLN C 100 -2.29 -4.17 -10.53
C GLN C 100 -1.62 -5.32 -11.25
N GLY C 101 -0.73 -5.05 -12.20
CA GLY C 101 0.01 -6.12 -12.85
C GLY C 101 -0.51 -6.45 -14.24
N THR C 102 0.43 -6.82 -15.12
CA THR C 102 0.12 -7.32 -16.46
C THR C 102 0.81 -8.68 -16.61
N LYS C 103 0.06 -9.70 -17.04
CA LYS C 103 0.63 -11.02 -17.25
C LYS C 103 1.00 -11.16 -18.72
N LEU C 104 2.27 -11.47 -18.98
CA LEU C 104 2.74 -11.80 -20.31
C LEU C 104 2.64 -13.31 -20.48
N GLU C 105 1.80 -13.75 -21.39
CA GLU C 105 1.65 -15.18 -21.65
C GLU C 105 2.05 -15.46 -23.09
N ILE C 106 2.29 -16.73 -23.36
CA ILE C 106 2.85 -17.14 -24.65
C ILE C 106 1.70 -17.38 -25.63
N LYS C 107 1.70 -16.65 -26.74
CA LYS C 107 0.66 -16.90 -27.74
C LYS C 107 1.02 -18.13 -28.53
N ARG C 108 -0.01 -18.85 -28.98
CA ARG C 108 0.17 -20.18 -29.50
C ARG C 108 -1.02 -20.50 -30.39
N THR C 109 -0.90 -21.52 -31.24
CA THR C 109 -2.05 -21.92 -32.05
C THR C 109 -3.16 -22.42 -31.13
N VAL C 110 -4.40 -22.22 -31.58
CA VAL C 110 -5.56 -22.71 -30.85
C VAL C 110 -5.44 -24.21 -30.64
N ALA C 111 -5.88 -24.68 -29.47
CA ALA C 111 -5.91 -26.10 -29.14
C ALA C 111 -7.12 -26.37 -28.27
N ALA C 112 -7.95 -27.28 -28.71
CA ALA C 112 -9.19 -27.60 -28.01
C ALA C 112 -8.89 -28.48 -26.79
N PRO C 113 -9.54 -28.20 -25.67
CA PRO C 113 -9.39 -29.09 -24.53
C PRO C 113 -9.94 -30.45 -24.90
N SER C 114 -9.38 -31.48 -24.29
CA SER C 114 -10.11 -32.73 -24.14
C SER C 114 -10.81 -32.72 -22.79
N VAL C 115 -11.97 -33.37 -22.71
CA VAL C 115 -12.90 -33.18 -21.61
C VAL C 115 -13.24 -34.51 -20.97
N PHE C 116 -13.09 -34.61 -19.65
CA PHE C 116 -13.42 -35.83 -18.92
C PHE C 116 -14.27 -35.44 -17.73
N ILE C 117 -15.22 -36.30 -17.36
CA ILE C 117 -16.06 -36.05 -16.20
C ILE C 117 -15.86 -37.21 -15.22
N PHE C 118 -15.79 -36.90 -13.94
CA PHE C 118 -15.59 -37.90 -12.90
C PHE C 118 -16.74 -37.88 -11.90
N PRO C 119 -17.47 -38.97 -11.72
CA PRO C 119 -18.52 -39.02 -10.70
C PRO C 119 -17.92 -39.09 -9.31
N PRO C 120 -18.69 -38.76 -8.28
CA PRO C 120 -18.16 -38.91 -6.91
C PRO C 120 -17.90 -40.37 -6.60
N SER C 121 -16.82 -40.63 -5.86
CA SER C 121 -16.51 -41.99 -5.45
C SER C 121 -17.46 -42.43 -4.34
N ASP C 122 -17.74 -43.74 -4.31
CA ASP C 122 -18.58 -44.29 -3.25
C ASP C 122 -18.03 -43.98 -1.88
N GLU C 123 -16.69 -43.98 -1.75
CA GLU C 123 -16.05 -43.64 -0.48
C GLU C 123 -16.49 -42.26 -0.01
N GLN C 124 -16.38 -41.25 -0.88
CA GLN C 124 -16.85 -39.93 -0.46
C GLN C 124 -18.33 -39.95 -0.17
N LEU C 125 -19.12 -40.64 -1.00
CA LEU C 125 -20.56 -40.75 -0.79
C LEU C 125 -20.91 -41.28 0.60
N LYS C 126 -20.10 -42.19 1.14
CA LYS C 126 -20.27 -42.60 2.53
C LYS C 126 -20.27 -41.38 3.46
N SER C 127 -19.41 -40.40 3.17
CA SER C 127 -19.22 -39.26 4.07
C SER C 127 -20.38 -38.29 4.05
N GLY C 128 -21.35 -38.46 3.15
CA GLY C 128 -22.45 -37.54 3.05
C GLY C 128 -22.23 -36.36 2.13
N THR C 129 -21.18 -36.35 1.32
CA THR C 129 -20.93 -35.28 0.37
C THR C 129 -20.56 -35.87 -0.98
N ALA C 130 -20.96 -35.17 -2.04
CA ALA C 130 -20.72 -35.58 -3.43
C ALA C 130 -19.98 -34.47 -4.15
N SER C 131 -18.77 -34.79 -4.64
CA SER C 131 -18.00 -33.90 -5.50
C SER C 131 -17.98 -34.51 -6.90
N VAL C 132 -18.45 -33.76 -7.89
CA VAL C 132 -18.37 -34.15 -9.29
C VAL C 132 -17.29 -33.27 -9.93
N VAL C 133 -16.34 -33.88 -10.62
CA VAL C 133 -15.17 -33.15 -11.14
C VAL C 133 -15.14 -33.24 -12.65
N CYS C 134 -14.87 -32.10 -13.29
CA CYS C 134 -14.74 -32.01 -14.73
C CYS C 134 -13.36 -31.49 -15.08
N LEU C 135 -12.66 -32.19 -15.98
CA LEU C 135 -11.29 -31.86 -16.34
C LEU C 135 -11.24 -31.38 -17.79
N LEU C 136 -10.53 -30.27 -18.02
CA LEU C 136 -10.27 -29.74 -19.35
C LEU C 136 -8.76 -29.76 -19.57
N ASN C 137 -8.28 -30.63 -20.44
CA ASN C 137 -6.85 -30.92 -20.51
C ASN C 137 -6.21 -30.22 -21.70
N ASN C 138 -5.17 -29.42 -21.41
CA ASN C 138 -4.18 -28.98 -22.41
C ASN C 138 -4.83 -28.23 -23.58
N PHE C 139 -5.38 -27.06 -23.29
CA PHE C 139 -6.06 -26.24 -24.27
C PHE C 139 -5.42 -24.86 -24.37
N TYR C 140 -5.74 -24.13 -25.43
CA TYR C 140 -5.28 -22.76 -25.60
C TYR C 140 -6.22 -22.09 -26.57
N PRO C 141 -6.63 -20.82 -26.36
CA PRO C 141 -6.24 -19.92 -25.28
C PRO C 141 -6.92 -20.23 -23.94
N ARG C 142 -6.64 -19.40 -22.93
CA ARG C 142 -7.04 -19.70 -21.57
C ARG C 142 -8.54 -19.54 -21.35
N GLU C 143 -9.18 -18.68 -22.13
CA GLU C 143 -10.61 -18.42 -21.96
C GLU C 143 -11.40 -19.68 -22.28
N ALA C 144 -12.20 -20.13 -21.32
CA ALA C 144 -12.97 -21.37 -21.42
C ALA C 144 -14.16 -21.28 -20.48
N LYS C 145 -15.30 -21.80 -20.93
CA LYS C 145 -16.51 -21.86 -20.12
C LYS C 145 -16.83 -23.30 -19.77
N VAL C 146 -16.94 -23.58 -18.48
CA VAL C 146 -17.49 -24.83 -17.97
C VAL C 146 -18.89 -24.53 -17.47
N GLN C 147 -19.88 -25.24 -18.00
CA GLN C 147 -21.26 -25.14 -17.56
C GLN C 147 -21.70 -26.49 -16.99
N TRP C 148 -22.09 -26.50 -15.71
CA TRP C 148 -22.61 -27.71 -15.09
C TRP C 148 -24.11 -27.83 -15.32
N LYS C 149 -24.55 -29.01 -15.71
CA LYS C 149 -25.97 -29.28 -15.91
C LYS C 149 -26.33 -30.52 -15.13
N VAL C 150 -27.44 -30.46 -14.40
CA VAL C 150 -27.95 -31.58 -13.62
C VAL C 150 -29.40 -31.79 -14.04
N ASP C 151 -29.69 -32.96 -14.61
CA ASP C 151 -30.97 -33.19 -15.27
C ASP C 151 -31.33 -32.03 -16.19
N ASN C 152 -30.31 -31.49 -16.86
CA ASN C 152 -30.38 -30.44 -17.87
C ASN C 152 -30.65 -29.02 -17.32
N ALA C 153 -30.73 -28.82 -16.01
CA ALA C 153 -30.76 -27.47 -15.46
C ALA C 153 -29.33 -26.96 -15.30
N LEU C 154 -29.10 -25.71 -15.72
CA LEU C 154 -27.79 -25.12 -15.59
C LEU C 154 -27.51 -24.80 -14.12
N GLN C 155 -26.42 -25.32 -13.60
CA GLN C 155 -26.08 -25.21 -12.18
C GLN C 155 -25.22 -23.98 -11.96
N SER C 156 -25.63 -23.15 -11.04
CA SER C 156 -24.84 -21.96 -10.75
C SER C 156 -24.72 -21.81 -9.24
N GLY C 157 -23.52 -21.54 -8.76
CA GLY C 157 -23.30 -21.21 -7.36
C GLY C 157 -22.75 -22.34 -6.49
N ASN C 158 -22.49 -23.52 -7.06
CA ASN C 158 -22.08 -24.68 -6.29
C ASN C 158 -20.88 -25.37 -6.93
N SER C 159 -20.02 -24.60 -7.61
CA SER C 159 -18.82 -25.14 -8.25
C SER C 159 -17.65 -24.18 -8.09
N GLN C 160 -16.45 -24.74 -7.99
CA GLN C 160 -15.24 -23.93 -7.99
C GLN C 160 -14.27 -24.47 -9.05
N GLU C 161 -13.48 -23.53 -9.59
CA GLU C 161 -12.54 -23.77 -10.67
C GLU C 161 -11.11 -23.46 -10.23
N SER C 162 -10.14 -24.16 -10.82
CA SER C 162 -8.79 -23.63 -10.82
C SER C 162 -8.07 -24.10 -12.09
N VAL C 163 -7.01 -23.37 -12.43
CA VAL C 163 -6.33 -23.45 -13.72
C VAL C 163 -4.83 -23.57 -13.46
N THR C 164 -4.16 -24.41 -14.23
CA THR C 164 -2.71 -24.53 -14.11
C THR C 164 -2.02 -23.33 -14.75
N GLU C 165 -0.75 -23.16 -14.42
CA GLU C 165 0.09 -22.23 -15.16
C GLU C 165 0.34 -22.76 -16.55
N GLN C 166 0.43 -21.85 -17.52
CA GLN C 166 0.77 -22.22 -18.88
C GLN C 166 1.89 -23.27 -18.90
N ASP C 167 1.68 -24.34 -19.67
CA ASP C 167 2.65 -25.43 -19.64
C ASP C 167 3.97 -25.01 -20.28
N SER C 168 5.08 -25.38 -19.62
CA SER C 168 6.43 -25.00 -20.09
C SER C 168 6.81 -25.63 -21.42
N LYS C 169 6.22 -26.77 -21.79
CA LYS C 169 6.54 -27.41 -23.06
C LYS C 169 5.58 -27.00 -24.18
N ASP C 170 4.25 -27.16 -24.00
CA ASP C 170 3.33 -26.87 -25.10
C ASP C 170 2.56 -25.55 -24.96
N SER C 171 2.69 -24.86 -23.84
CA SER C 171 2.12 -23.52 -23.69
C SER C 171 0.60 -23.52 -23.55
N THR C 172 0.00 -24.67 -23.24
CA THR C 172 -1.42 -24.81 -23.00
C THR C 172 -1.73 -24.65 -21.51
N TYR C 173 -3.03 -24.57 -21.23
CA TYR C 173 -3.57 -24.56 -19.89
C TYR C 173 -4.37 -25.82 -19.64
N SER C 174 -4.64 -26.08 -18.37
CA SER C 174 -5.59 -27.10 -17.99
C SER C 174 -6.46 -26.55 -16.86
N LEU C 175 -7.67 -27.07 -16.77
CA LEU C 175 -8.64 -26.50 -15.85
C LEU C 175 -9.40 -27.63 -15.18
N SER C 176 -9.64 -27.46 -13.89
CA SER C 176 -10.37 -28.42 -13.08
C SER C 176 -11.58 -27.72 -12.50
N SER C 177 -12.75 -28.33 -12.64
CA SER C 177 -13.99 -27.76 -12.12
C SER C 177 -14.67 -28.78 -11.21
N THR C 178 -15.03 -28.35 -10.00
CA THR C 178 -15.67 -29.23 -9.03
C THR C 178 -17.05 -28.70 -8.68
N LEU C 179 -18.06 -29.51 -8.92
CA LEU C 179 -19.41 -29.29 -8.43
C LEU C 179 -19.58 -30.09 -7.15
N THR C 180 -20.02 -29.41 -6.09
CA THR C 180 -20.19 -30.06 -4.80
C THR C 180 -21.66 -30.02 -4.41
N LEU C 181 -22.19 -31.16 -3.99
CA LEU C 181 -23.52 -31.17 -3.38
C LEU C 181 -23.56 -32.27 -2.33
N SER C 182 -24.51 -32.11 -1.41
CA SER C 182 -24.74 -33.12 -0.40
C SER C 182 -25.16 -34.44 -1.05
N LYS C 183 -24.89 -35.55 -0.37
CA LYS C 183 -25.28 -36.84 -0.91
C LYS C 183 -26.78 -36.89 -1.17
N ALA C 184 -27.57 -36.22 -0.34
CA ALA C 184 -29.01 -36.26 -0.52
C ALA C 184 -29.43 -35.54 -1.79
N ASP C 185 -28.88 -34.34 -2.03
CA ASP C 185 -29.11 -33.69 -3.32
C ASP C 185 -28.61 -34.54 -4.47
N TYR C 186 -27.43 -35.12 -4.33
CA TYR C 186 -26.87 -35.94 -5.39
C TYR C 186 -27.84 -37.03 -5.80
N GLU C 187 -28.51 -37.66 -4.85
CA GLU C 187 -29.38 -38.78 -5.15
C GLU C 187 -30.78 -38.39 -5.62
N LYS C 188 -31.09 -37.09 -5.73
CA LYS C 188 -32.37 -36.66 -6.27
C LYS C 188 -32.36 -36.50 -7.79
N HIS C 189 -31.21 -36.66 -8.46
CA HIS C 189 -31.06 -36.34 -9.87
C HIS C 189 -30.34 -37.47 -10.59
N LYS C 190 -30.54 -37.55 -11.91
CA LYS C 190 -30.02 -38.66 -12.70
C LYS C 190 -28.82 -38.29 -13.55
N VAL C 191 -28.88 -37.21 -14.30
CA VAL C 191 -27.89 -36.91 -15.34
C VAL C 191 -26.98 -35.78 -14.86
N TYR C 192 -25.69 -36.08 -14.72
CA TYR C 192 -24.66 -35.11 -14.39
C TYR C 192 -23.79 -34.87 -15.61
N ALA C 193 -23.66 -33.61 -15.99
CA ALA C 193 -23.05 -33.22 -17.26
C ALA C 193 -22.15 -32.00 -17.09
N CYS C 194 -21.07 -32.00 -17.86
CA CYS C 194 -20.13 -30.89 -17.94
C CYS C 194 -20.08 -30.44 -19.39
N GLU C 195 -20.55 -29.23 -19.67
CA GLU C 195 -20.54 -28.67 -21.02
C GLU C 195 -19.46 -27.61 -21.12
N VAL C 196 -18.59 -27.75 -22.13
CA VAL C 196 -17.40 -26.93 -22.29
C VAL C 196 -17.51 -26.12 -23.58
N THR C 197 -17.38 -24.80 -23.46
CA THR C 197 -17.34 -23.89 -24.59
C THR C 197 -15.92 -23.37 -24.75
N HIS C 198 -15.37 -23.41 -25.97
CA HIS C 198 -13.99 -23.00 -26.15
C HIS C 198 -13.76 -22.69 -27.61
N GLN C 199 -12.85 -21.73 -27.86
CA GLN C 199 -12.59 -21.34 -29.23
C GLN C 199 -12.16 -22.51 -30.10
N GLY C 200 -11.49 -23.50 -29.52
CA GLY C 200 -11.05 -24.67 -30.24
C GLY C 200 -12.14 -25.68 -30.56
N LEU C 201 -13.36 -25.46 -30.12
CA LEU C 201 -14.46 -26.39 -30.32
C LEU C 201 -15.50 -25.73 -31.21
N SER C 202 -15.86 -26.41 -32.32
CA SER C 202 -16.81 -25.84 -33.27
C SER C 202 -18.16 -25.60 -32.63
N SER C 203 -18.53 -26.41 -31.66
CA SER C 203 -19.63 -26.08 -30.77
C SER C 203 -19.36 -26.76 -29.44
N PRO C 204 -20.08 -26.37 -28.39
CA PRO C 204 -19.71 -26.83 -27.03
C PRO C 204 -19.82 -28.35 -26.90
N VAL C 205 -18.91 -28.92 -26.13
CA VAL C 205 -18.81 -30.38 -25.95
C VAL C 205 -19.34 -30.73 -24.56
N THR C 206 -20.10 -31.83 -24.48
CA THR C 206 -20.66 -32.26 -23.21
C THR C 206 -20.20 -33.68 -22.88
N LYS C 207 -19.66 -33.85 -21.69
CA LYS C 207 -19.47 -35.17 -21.10
C LYS C 207 -20.43 -35.33 -19.94
N SER C 208 -20.99 -36.54 -19.81
CA SER C 208 -21.99 -36.73 -18.77
C SER C 208 -21.93 -38.16 -18.29
N PHE C 209 -22.60 -38.39 -17.16
CA PHE C 209 -22.84 -39.72 -16.66
C PHE C 209 -24.22 -39.73 -16.03
N ASN C 210 -24.82 -40.91 -15.96
CA ASN C 210 -26.12 -41.13 -15.33
C ASN C 210 -25.88 -41.81 -14.00
N ARG C 211 -26.28 -41.17 -12.90
CA ARG C 211 -25.93 -41.68 -11.58
C ARG C 211 -26.32 -43.14 -11.45
N GLY C 212 -25.35 -43.96 -11.02
CA GLY C 212 -25.61 -45.36 -10.76
C GLY C 212 -25.74 -46.26 -11.98
N GLU C 213 -25.35 -45.78 -13.15
CA GLU C 213 -25.36 -46.56 -14.38
C GLU C 213 -23.95 -46.61 -14.94
N CYS C 214 -23.72 -47.57 -15.83
CA CYS C 214 -22.43 -47.73 -16.49
C CYS C 214 -22.61 -48.51 -17.79
N GLN D 1 6.52 15.95 18.29
CA GLN D 1 5.50 14.91 18.17
C GLN D 1 4.37 15.00 19.23
N VAL D 2 3.30 15.73 18.91
CA VAL D 2 2.24 16.01 19.88
C VAL D 2 1.13 14.96 19.77
N GLN D 3 0.72 14.43 20.92
CA GLN D 3 -0.36 13.47 21.03
C GLN D 3 -1.56 14.13 21.68
N LEU D 4 -2.75 13.94 21.10
CA LEU D 4 -4.00 14.53 21.58
C LEU D 4 -4.91 13.40 22.04
N VAL D 5 -5.31 13.43 23.30
CA VAL D 5 -6.24 12.42 23.80
C VAL D 5 -7.53 13.10 24.24
N GLU D 6 -8.63 12.71 23.63
CA GLU D 6 -9.94 13.22 23.98
C GLU D 6 -10.59 12.34 25.03
N SER D 7 -11.45 12.95 25.83
CA SER D 7 -12.22 12.24 26.84
C SER D 7 -13.40 13.12 27.24
N GLY D 8 -14.34 12.50 27.95
CA GLY D 8 -15.52 13.17 28.43
C GLY D 8 -16.80 12.74 27.73
N GLY D 9 -16.72 11.88 26.73
CA GLY D 9 -17.87 11.46 25.96
C GLY D 9 -18.79 10.53 26.75
N GLY D 10 -19.77 10.00 26.03
CA GLY D 10 -20.69 9.04 26.59
C GLY D 10 -22.11 9.28 26.13
N LEU D 11 -23.03 8.67 26.87
CA LEU D 11 -24.45 8.64 26.55
C LEU D 11 -25.17 9.62 27.46
N VAL D 12 -25.89 10.56 26.87
CA VAL D 12 -26.61 11.55 27.66
C VAL D 12 -27.97 11.79 27.01
N GLN D 13 -28.93 12.16 27.84
CA GLN D 13 -30.28 12.42 27.39
C GLN D 13 -30.36 13.76 26.70
N ALA D 14 -31.15 13.82 25.63
CA ALA D 14 -31.48 15.06 24.94
C ALA D 14 -31.70 16.19 25.95
N GLY D 15 -31.06 17.33 25.68
CA GLY D 15 -31.20 18.52 26.51
C GLY D 15 -30.19 18.66 27.63
N GLY D 16 -29.37 17.64 27.89
CA GLY D 16 -28.39 17.69 28.95
C GLY D 16 -27.13 18.39 28.49
N SER D 17 -26.12 18.34 29.35
CA SER D 17 -24.81 18.88 29.02
C SER D 17 -23.74 17.79 29.07
N LEU D 18 -22.65 18.05 28.36
CA LEU D 18 -21.47 17.21 28.40
C LEU D 18 -20.27 18.11 28.15
N ARG D 19 -19.18 17.85 28.86
CA ARG D 19 -17.95 18.62 28.69
C ARG D 19 -16.85 17.70 28.20
N LEU D 20 -16.41 17.92 26.96
CA LEU D 20 -15.30 17.20 26.37
C LEU D 20 -13.97 17.84 26.73
N SER D 21 -12.93 17.02 26.78
CA SER D 21 -11.58 17.48 27.03
C SER D 21 -10.65 16.83 26.03
N CYS D 22 -9.56 17.52 25.73
CA CYS D 22 -8.51 16.98 24.89
C CYS D 22 -7.19 17.43 25.49
N VAL D 23 -6.35 16.47 25.84
CA VAL D 23 -5.06 16.77 26.46
C VAL D 23 -3.98 16.48 25.43
N ALA D 24 -3.10 17.44 25.23
CA ALA D 24 -1.97 17.28 24.35
C ALA D 24 -0.76 16.91 25.21
N SER D 25 -0.08 15.85 24.82
CA SER D 25 1.24 15.59 25.37
C SER D 25 2.13 16.80 25.13
N GLY D 26 3.19 16.89 25.93
CA GLY D 26 4.24 17.85 25.63
C GLY D 26 4.02 19.16 26.35
N ARG D 27 4.71 20.19 25.85
CA ARG D 27 4.65 21.50 26.47
C ARG D 27 4.27 22.60 25.50
N THR D 28 4.08 22.29 24.22
CA THR D 28 3.86 23.30 23.19
C THR D 28 2.38 23.49 22.85
N PHE D 29 1.48 22.94 23.66
CA PHE D 29 0.05 23.17 23.47
C PHE D 29 -0.23 24.64 23.20
N SER D 30 0.40 25.53 23.96
CA SER D 30 0.05 26.93 23.86
C SER D 30 0.48 27.58 22.54
N ARG D 31 1.03 26.85 21.57
CA ARG D 31 1.30 27.51 20.29
C ARG D 31 0.17 27.33 19.31
N TYR D 32 -0.73 26.38 19.55
CA TYR D 32 -1.60 25.84 18.52
C TYR D 32 -3.02 26.38 18.63
N ALA D 33 -3.65 26.57 17.47
CA ALA D 33 -5.10 26.63 17.42
C ALA D 33 -5.64 25.22 17.65
N MET D 34 -6.69 25.10 18.45
CA MET D 34 -7.25 23.81 18.78
C MET D 34 -8.68 23.77 18.28
N GLY D 35 -9.02 22.71 17.53
CA GLY D 35 -10.35 22.59 16.95
C GLY D 35 -10.97 21.26 17.29
N TRP D 36 -12.28 21.21 17.14
CA TRP D 36 -13.07 19.99 17.31
C TRP D 36 -13.84 19.71 16.03
N PHE D 37 -13.69 18.52 15.50
CA PHE D 37 -14.57 18.02 14.46
C PHE D 37 -15.42 16.89 15.03
N ARG D 38 -16.51 16.59 14.32
CA ARG D 38 -17.35 15.47 14.69
C ARG D 38 -17.79 14.74 13.42
N GLN D 39 -17.93 13.42 13.54
CA GLN D 39 -18.36 12.61 12.40
C GLN D 39 -19.40 11.60 12.87
N ALA D 40 -20.59 11.67 12.30
CA ALA D 40 -21.53 10.56 12.46
C ALA D 40 -21.14 9.42 11.51
N PRO D 41 -21.06 8.18 11.98
CA PRO D 41 -20.73 7.07 11.08
C PRO D 41 -21.69 7.02 9.89
N GLY D 42 -21.13 6.87 8.70
CA GLY D 42 -21.93 6.97 7.50
C GLY D 42 -22.27 8.40 7.08
N LYS D 43 -21.51 9.38 7.58
CA LYS D 43 -21.66 10.76 7.16
C LYS D 43 -20.28 11.39 7.07
N GLU D 44 -20.24 12.54 6.41
CA GLU D 44 -18.99 13.29 6.34
C GLU D 44 -18.61 13.80 7.72
N ARG D 45 -17.32 13.95 7.96
CA ARG D 45 -16.90 14.65 9.17
C ARG D 45 -17.13 16.15 8.98
N GLU D 46 -17.32 16.85 10.09
CA GLU D 46 -17.74 18.24 10.03
C GLU D 46 -16.95 19.06 11.04
N PHE D 47 -16.61 20.30 10.65
CA PHE D 47 -16.00 21.23 11.58
C PHE D 47 -17.03 21.60 12.64
N VAL D 48 -16.58 21.76 13.89
CA VAL D 48 -17.46 22.14 14.99
C VAL D 48 -17.05 23.47 15.61
N ALA D 49 -15.77 23.65 15.93
CA ALA D 49 -15.30 24.87 16.60
C ALA D 49 -13.78 24.88 16.67
N VAL D 50 -13.22 26.09 16.85
CA VAL D 50 -11.78 26.29 17.06
C VAL D 50 -11.56 27.41 18.04
N ILE D 51 -10.37 27.39 18.64
CA ILE D 51 -9.91 28.46 19.51
C ILE D 51 -8.43 28.74 19.23
N GLU D 52 -8.09 30.02 19.08
CA GLU D 52 -6.71 30.36 18.75
C GLU D 52 -5.82 30.18 19.97
N TRP D 53 -4.51 30.26 19.72
CA TRP D 53 -3.50 29.90 20.72
C TRP D 53 -3.71 30.61 22.04
N ASP D 54 -3.99 31.92 22.00
CA ASP D 54 -4.14 32.71 23.21
C ASP D 54 -5.57 32.73 23.75
N GLY D 55 -6.50 32.01 23.12
CA GLY D 55 -7.87 31.96 23.59
C GLY D 55 -8.71 33.17 23.24
N GLY D 56 -8.20 34.09 22.43
CA GLY D 56 -8.92 35.32 22.19
C GLY D 56 -9.92 35.28 21.05
N THR D 57 -9.78 34.32 20.15
CA THR D 57 -10.60 34.28 18.95
C THR D 57 -11.04 32.85 18.74
N SER D 58 -12.34 32.62 18.67
CA SER D 58 -12.83 31.28 18.37
C SER D 58 -13.88 31.36 17.29
N TYR D 59 -14.22 30.20 16.73
CA TYR D 59 -15.28 30.11 15.72
C TYR D 59 -16.08 28.84 15.95
N TYR D 60 -17.32 28.85 15.45
CA TYR D 60 -18.31 27.81 15.69
C TYR D 60 -19.06 27.48 14.40
N VAL D 61 -19.28 26.18 14.14
CA VAL D 61 -20.22 25.85 13.09
C VAL D 61 -21.62 26.34 13.51
N ASP D 62 -22.44 26.68 12.51
CA ASP D 62 -23.66 27.39 12.81
C ASP D 62 -24.60 26.58 13.70
N SER D 63 -24.68 25.28 13.46
CA SER D 63 -25.65 24.44 14.19
C SER D 63 -25.34 24.32 15.68
N VAL D 64 -24.17 24.75 16.15
CA VAL D 64 -23.85 24.65 17.56
C VAL D 64 -23.79 26.01 18.23
N LYS D 65 -23.96 27.10 17.48
CA LYS D 65 -23.83 28.44 18.03
C LYS D 65 -24.79 28.65 19.19
N GLY D 66 -24.27 29.16 20.30
CA GLY D 66 -25.07 29.39 21.47
C GLY D 66 -25.31 28.18 22.34
N ARG D 67 -24.92 26.99 21.88
CA ARG D 67 -25.05 25.76 22.64
C ARG D 67 -23.70 25.21 23.09
N PHE D 68 -22.71 25.20 22.21
CA PHE D 68 -21.35 24.81 22.52
C PHE D 68 -20.51 26.04 22.81
N THR D 69 -19.55 25.90 23.72
CA THR D 69 -18.50 26.90 23.87
C THR D 69 -17.16 26.21 24.03
N ILE D 70 -16.21 26.55 23.18
CA ILE D 70 -14.87 25.99 23.23
C ILE D 70 -14.02 26.86 24.16
N SER D 71 -13.15 26.24 24.94
CA SER D 71 -12.27 27.03 25.80
C SER D 71 -10.96 26.27 25.97
N ARG D 72 -9.99 26.89 26.64
CA ARG D 72 -8.70 26.25 26.82
C ARG D 72 -8.03 26.73 28.10
N ASP D 73 -7.14 25.89 28.60
CA ASP D 73 -6.29 26.20 29.74
C ASP D 73 -4.86 25.82 29.35
N ASN D 74 -4.09 26.79 28.89
CA ASN D 74 -2.75 26.48 28.40
C ASN D 74 -1.89 25.89 29.51
N ALA D 75 -2.11 26.32 30.76
CA ALA D 75 -1.37 25.72 31.85
C ALA D 75 -1.62 24.21 31.98
N LYS D 76 -2.75 23.69 31.49
CA LYS D 76 -3.00 22.26 31.56
C LYS D 76 -2.89 21.57 30.21
N ASN D 77 -2.49 22.27 29.16
CA ASN D 77 -2.40 21.64 27.83
C ASN D 77 -3.74 21.03 27.42
N THR D 78 -4.84 21.60 27.91
CA THR D 78 -6.16 21.02 27.71
C THR D 78 -7.05 22.02 27.00
N VAL D 79 -7.72 21.56 25.97
CA VAL D 79 -8.79 22.32 25.34
C VAL D 79 -10.10 21.61 25.69
N TYR D 80 -11.17 22.40 25.79
CA TYR D 80 -12.48 21.92 26.23
C TYR D 80 -13.56 22.28 25.22
N LEU D 81 -14.53 21.38 25.07
CA LEU D 81 -15.74 21.65 24.30
C LEU D 81 -16.93 21.49 25.24
N GLN D 82 -17.49 22.60 25.72
CA GLN D 82 -18.68 22.53 26.56
C GLN D 82 -19.89 22.37 25.66
N MET D 83 -20.68 21.35 25.90
CA MET D 83 -21.85 21.07 25.07
C MET D 83 -23.12 21.13 25.91
N ASN D 84 -23.89 22.19 25.74
CA ASN D 84 -25.16 22.34 26.43
C ASN D 84 -26.31 22.16 25.45
N SER D 85 -27.51 22.02 26.01
CA SER D 85 -28.73 21.79 25.23
C SER D 85 -28.49 20.81 24.10
N LEU D 86 -28.06 19.61 24.48
CA LEU D 86 -27.66 18.58 23.52
C LEU D 86 -28.87 18.06 22.75
N LYS D 87 -28.62 17.66 21.50
CA LYS D 87 -29.65 17.21 20.57
C LYS D 87 -29.25 15.89 19.97
N PRO D 88 -30.21 15.02 19.68
CA PRO D 88 -29.90 13.80 18.94
C PRO D 88 -29.05 14.05 17.72
N GLU D 89 -29.25 15.19 17.05
CA GLU D 89 -28.44 15.55 15.90
C GLU D 89 -26.96 15.74 16.24
N ASP D 90 -26.63 15.93 17.52
CA ASP D 90 -25.24 16.06 17.96
C ASP D 90 -24.56 14.72 18.18
N THR D 91 -25.27 13.60 18.05
CA THR D 91 -24.66 12.28 18.22
C THR D 91 -23.56 12.05 17.19
N ALA D 92 -22.32 11.91 17.65
CA ALA D 92 -21.20 11.71 16.74
C ALA D 92 -19.96 11.31 17.53
N VAL D 93 -18.93 10.91 16.80
CA VAL D 93 -17.58 10.82 17.34
C VAL D 93 -16.92 12.18 17.21
N TYR D 94 -16.30 12.65 18.28
CA TYR D 94 -15.70 13.98 18.33
C TYR D 94 -14.20 13.86 18.33
N TYR D 95 -13.56 14.59 17.43
CA TYR D 95 -12.11 14.56 17.27
C TYR D 95 -11.51 15.93 17.53
N CYS D 96 -10.38 15.91 18.23
CA CYS D 96 -9.57 17.06 18.55
C CYS D 96 -8.49 17.23 17.49
N ALA D 97 -8.23 18.48 17.10
CA ALA D 97 -7.12 18.73 16.19
C ALA D 97 -6.31 19.91 16.68
N ALA D 98 -5.02 19.89 16.35
CA ALA D 98 -4.11 20.96 16.71
C ALA D 98 -3.43 21.43 15.46
N GLY D 99 -3.39 22.75 15.25
CA GLY D 99 -2.77 23.30 14.06
C GLY D 99 -2.34 24.74 14.23
N GLY D 100 -1.84 25.30 13.14
CA GLY D 100 -1.44 26.70 13.13
C GLY D 100 -2.62 27.64 13.20
N ASN D 101 -2.37 28.82 13.76
CA ASN D 101 -3.35 29.91 13.75
C ASN D 101 -3.41 30.51 12.36
N GLN D 102 -4.60 30.48 11.76
CA GLN D 102 -4.80 30.67 10.33
C GLN D 102 -5.17 32.12 10.00
N TYR D 103 -4.53 32.68 8.98
CA TYR D 103 -4.95 33.99 8.52
C TYR D 103 -6.40 33.97 8.03
N TYR D 104 -6.78 32.95 7.25
CA TYR D 104 -8.14 32.81 6.74
C TYR D 104 -8.91 31.83 7.63
N SER D 105 -9.91 32.34 8.35
CA SER D 105 -10.68 31.51 9.28
C SER D 105 -11.31 30.30 8.60
N ALA D 106 -11.74 30.43 7.33
CA ALA D 106 -12.36 29.31 6.66
C ALA D 106 -11.45 28.10 6.62
N THR D 107 -10.15 28.32 6.60
CA THR D 107 -9.21 27.20 6.59
C THR D 107 -9.38 26.32 7.83
N TYR D 108 -9.89 26.87 8.93
CA TYR D 108 -10.09 26.10 10.14
C TYR D 108 -11.08 24.97 9.96
N SER D 109 -11.91 25.03 8.91
CA SER D 109 -12.90 23.99 8.66
C SER D 109 -12.33 22.80 7.92
N ILE D 110 -11.06 22.84 7.55
CA ILE D 110 -10.49 21.84 6.65
C ILE D 110 -9.62 20.91 7.49
N TRP D 111 -10.10 19.68 7.65
CA TRP D 111 -9.44 18.71 8.53
C TRP D 111 -7.95 18.53 8.19
N ASN D 112 -7.56 18.62 6.92
CA ASN D 112 -6.18 18.27 6.59
C ASN D 112 -5.22 19.43 6.77
N GLU D 113 -5.73 20.64 7.00
CA GLU D 113 -4.91 21.81 7.28
C GLU D 113 -4.38 21.88 8.71
N TYR D 114 -4.80 20.97 9.60
CA TYR D 114 -4.19 20.89 10.92
C TYR D 114 -2.91 20.08 10.86
N ASP D 115 -2.28 19.89 12.02
CA ASP D 115 -0.99 19.22 12.14
C ASP D 115 -1.05 17.95 12.98
N PHE D 116 -1.90 17.88 13.99
CA PHE D 116 -2.09 16.66 14.72
C PHE D 116 -3.59 16.43 14.94
N TRP D 117 -3.97 15.17 15.03
CA TRP D 117 -5.36 14.78 15.19
C TRP D 117 -5.50 13.74 16.28
N GLY D 118 -6.59 13.81 17.03
CA GLY D 118 -6.85 12.83 18.06
C GLY D 118 -7.57 11.62 17.49
N GLN D 119 -7.71 10.59 18.35
CA GLN D 119 -8.39 9.36 17.97
C GLN D 119 -9.91 9.46 18.03
N GLY D 120 -10.46 10.32 18.88
CA GLY D 120 -11.89 10.54 18.95
C GLY D 120 -12.50 10.03 20.26
N THR D 121 -13.61 10.64 20.63
CA THR D 121 -14.44 10.16 21.74
C THR D 121 -15.90 10.21 21.32
N GLN D 122 -16.67 9.23 21.80
CA GLN D 122 -18.04 9.03 21.35
C GLN D 122 -19.01 9.88 22.14
N VAL D 123 -19.97 10.48 21.44
CA VAL D 123 -21.07 11.21 22.09
C VAL D 123 -22.35 10.69 21.50
N THR D 124 -23.25 10.20 22.36
CA THR D 124 -24.54 9.66 21.97
C THR D 124 -25.61 10.37 22.78
N VAL D 125 -26.48 11.12 22.12
CA VAL D 125 -27.58 11.83 22.76
C VAL D 125 -28.87 11.11 22.40
N SER D 126 -29.54 10.53 23.39
CA SER D 126 -30.78 9.79 23.15
C SER D 126 -32.00 10.57 23.64
N SER D 127 -33.17 10.08 23.24
CA SER D 127 -34.45 10.74 23.53
C SER D 127 -35.15 10.24 24.80
#